data_2GB9
# 
_entry.id   2GB9 
# 
_audit_conform.dict_name       mmcif_pdbx.dic 
_audit_conform.dict_version    5.387 
_audit_conform.dict_location   http://mmcif.pdb.org/dictionaries/ascii/mmcif_pdbx.dic 
# 
loop_
_database_2.database_id 
_database_2.database_code 
_database_2.pdbx_database_accession 
_database_2.pdbx_DOI 
PDB   2GB9         pdb_00002gb9 10.2210/pdb2gb9/pdb 
NDB   DD0078       ?            ?                   
RCSB  RCSB036912   ?            ?                   
WWPDB D_1000036912 ?            ?                   
# 
loop_
_pdbx_audit_revision_history.ordinal 
_pdbx_audit_revision_history.data_content_type 
_pdbx_audit_revision_history.major_revision 
_pdbx_audit_revision_history.minor_revision 
_pdbx_audit_revision_history.revision_date 
1 'Structure model' 1 0 2006-04-25 
2 'Structure model' 1 1 2008-05-01 
3 'Structure model' 1 2 2011-07-13 
4 'Structure model' 1 3 2017-10-18 
5 'Structure model' 1 4 2024-02-14 
# 
_pdbx_audit_revision_details.ordinal             1 
_pdbx_audit_revision_details.revision_ordinal    1 
_pdbx_audit_revision_details.data_content_type   'Structure model' 
_pdbx_audit_revision_details.provider            repository 
_pdbx_audit_revision_details.type                'Initial release' 
_pdbx_audit_revision_details.description         ? 
_pdbx_audit_revision_details.details             ? 
# 
loop_
_pdbx_audit_revision_group.ordinal 
_pdbx_audit_revision_group.revision_ordinal 
_pdbx_audit_revision_group.data_content_type 
_pdbx_audit_revision_group.group 
1 2 'Structure model' 'Version format compliance' 
2 3 'Structure model' 'Version format compliance' 
3 4 'Structure model' Advisory                    
4 4 'Structure model' 'Refinement description'    
5 5 'Structure model' 'Data collection'           
6 5 'Structure model' 'Database references'       
7 5 'Structure model' 'Derived calculations'      
# 
loop_
_pdbx_audit_revision_category.ordinal 
_pdbx_audit_revision_category.revision_ordinal 
_pdbx_audit_revision_category.data_content_type 
_pdbx_audit_revision_category.category 
1 4 'Structure model' pdbx_unobs_or_zero_occ_atoms 
2 4 'Structure model' software                     
3 5 'Structure model' chem_comp_atom               
4 5 'Structure model' chem_comp_bond               
5 5 'Structure model' database_2                   
6 5 'Structure model' pdbx_struct_conn_angle       
7 5 'Structure model' struct_conn                  
8 5 'Structure model' struct_site                  
# 
loop_
_pdbx_audit_revision_item.ordinal 
_pdbx_audit_revision_item.revision_ordinal 
_pdbx_audit_revision_item.data_content_type 
_pdbx_audit_revision_item.item 
1  4 'Structure model' '_software.name'                            
2  5 'Structure model' '_database_2.pdbx_DOI'                      
3  5 'Structure model' '_database_2.pdbx_database_accession'       
4  5 'Structure model' '_pdbx_struct_conn_angle.ptnr1_auth_seq_id' 
5  5 'Structure model' '_pdbx_struct_conn_angle.ptnr1_symmetry'    
6  5 'Structure model' '_pdbx_struct_conn_angle.ptnr3_auth_seq_id' 
7  5 'Structure model' '_pdbx_struct_conn_angle.ptnr3_symmetry'    
8  5 'Structure model' '_pdbx_struct_conn_angle.value'             
9  5 'Structure model' '_struct_conn.pdbx_dist_value'              
10 5 'Structure model' '_struct_conn.pdbx_leaving_atom_flag'       
11 5 'Structure model' '_struct_conn.ptnr2_auth_seq_id'            
12 5 'Structure model' '_struct_conn.ptnr2_symmetry'               
13 5 'Structure model' '_struct_site.pdbx_auth_asym_id'            
14 5 'Structure model' '_struct_site.pdbx_auth_comp_id'            
15 5 'Structure model' '_struct_site.pdbx_auth_seq_id'             
# 
_pdbx_database_status.status_code                     REL 
_pdbx_database_status.entry_id                        2GB9 
_pdbx_database_status.recvd_initial_deposition_date   2006-03-10 
_pdbx_database_status.deposit_site                    RCSB 
_pdbx_database_status.process_site                    RCSB 
_pdbx_database_status.status_code_sf                  REL 
_pdbx_database_status.status_code_mr                  ? 
_pdbx_database_status.SG_entry                        ? 
_pdbx_database_status.pdb_format_compatible           Y 
_pdbx_database_status.status_code_cs                  ? 
_pdbx_database_status.methods_development_category    ? 
_pdbx_database_status.status_code_nmr_data            ? 
# 
loop_
_audit_author.name 
_audit_author.pdbx_ordinal 
'Hopcroft, N.H.' 1 
'Brogden, A.L.'  2 
'Searcey, M.'    3 
'Cardin, C.J.'   4 
# 
_citation.id                        primary 
_citation.title                     
;X-ray crystallographic study of DNA duplex cross-linking: simultaneous binding to two d(CGTACG)2 molecules by a bis(9-aminoacridine-4-carboxamide) derivative.
;
_citation.journal_abbrev            'Nucleic Acids Res.' 
_citation.journal_volume            34 
_citation.page_first                6663 
_citation.page_last                 6672 
_citation.year                      2006 
_citation.journal_id_ASTM           NARHAD 
_citation.country                   UK 
_citation.journal_id_ISSN           0305-1048 
_citation.journal_id_CSD            0389 
_citation.book_publisher            ? 
_citation.pdbx_database_id_PubMed   17145714 
_citation.pdbx_database_id_DOI      10.1093/nar/gkl930 
# 
loop_
_citation_author.citation_id 
_citation_author.name 
_citation_author.ordinal 
_citation_author.identifier_ORCID 
primary 'Hopcroft, N.H.' 1 ? 
primary 'Brogden, A.L.'  2 ? 
primary 'Searcey, M.'    3 ? 
primary 'Cardin, C.J.'   4 ? 
# 
loop_
_entity.id 
_entity.type 
_entity.src_method 
_entity.pdbx_description 
_entity.formula_weight 
_entity.pdbx_number_of_molecules 
_entity.pdbx_ec 
_entity.pdbx_mutation 
_entity.pdbx_fragment 
_entity.details 
1 polymer     syn "5'-D(*CP*GP*TP*AP*CP*G)-3'"                                                         1809.217 2   ? ? ? ? 
2 non-polymer syn 'STRONTIUM ION'                                                                      87.620   2   ? ? ? ? 
3 non-polymer syn "9,9'-(HEXANE-1,6-DIYLDIIMINO)BIS{N-[2-(DIMETHYLAMINO)ETHYL]ACRIDINE-4-CARBOXAMIDE}" 698.899  2   ? ? ? ? 
4 water       nat water                                                                                18.015   103 ? ? ? ? 
# 
_entity_poly.entity_id                      1 
_entity_poly.type                           polydeoxyribonucleotide 
_entity_poly.nstd_linkage                   no 
_entity_poly.nstd_monomer                   no 
_entity_poly.pdbx_seq_one_letter_code       '(DC)(DG)(DT)(DA)(DC)(DG)' 
_entity_poly.pdbx_seq_one_letter_code_can   CGTACG 
_entity_poly.pdbx_strand_id                 A,B 
_entity_poly.pdbx_target_identifier         ? 
# 
loop_
_pdbx_entity_nonpoly.entity_id 
_pdbx_entity_nonpoly.name 
_pdbx_entity_nonpoly.comp_id 
2 'STRONTIUM ION'                                                                      SR  
3 "9,9'-(HEXANE-1,6-DIYLDIIMINO)BIS{N-[2-(DIMETHYLAMINO)ETHYL]ACRIDINE-4-CARBOXAMIDE}" A4C 
4 water                                                                                HOH 
# 
loop_
_entity_poly_seq.entity_id 
_entity_poly_seq.num 
_entity_poly_seq.mon_id 
_entity_poly_seq.hetero 
1 1 DC n 
1 2 DG n 
1 3 DT n 
1 4 DA n 
1 5 DC n 
1 6 DG n 
# 
loop_
_chem_comp.id 
_chem_comp.type 
_chem_comp.mon_nstd_flag 
_chem_comp.name 
_chem_comp.pdbx_synonyms 
_chem_comp.formula 
_chem_comp.formula_weight 
A4C non-polymer   . "9,9'-(HEXANE-1,6-DIYLDIIMINO)BIS{N-[2-(DIMETHYLAMINO)ETHYL]ACRIDINE-4-CARBOXAMIDE}" ? 'C42 H50 N8 O2'   
698.899 
DA  'DNA linking' y "2'-DEOXYADENOSINE-5'-MONOPHOSPHATE"                                                 ? 'C10 H14 N5 O6 P' 
331.222 
DC  'DNA linking' y "2'-DEOXYCYTIDINE-5'-MONOPHOSPHATE"                                                  ? 'C9 H14 N3 O7 P'  
307.197 
DG  'DNA linking' y "2'-DEOXYGUANOSINE-5'-MONOPHOSPHATE"                                                 ? 'C10 H14 N5 O7 P' 
347.221 
DT  'DNA linking' y "THYMIDINE-5'-MONOPHOSPHATE"                                                         ? 'C10 H15 N2 O8 P' 
322.208 
HOH non-polymer   . WATER                                                                                ? 'H2 O'            
18.015  
SR  non-polymer   . 'STRONTIUM ION'                                                                      ? 'Sr 2'            
87.620  
# 
loop_
_pdbx_poly_seq_scheme.asym_id 
_pdbx_poly_seq_scheme.entity_id 
_pdbx_poly_seq_scheme.seq_id 
_pdbx_poly_seq_scheme.mon_id 
_pdbx_poly_seq_scheme.ndb_seq_num 
_pdbx_poly_seq_scheme.pdb_seq_num 
_pdbx_poly_seq_scheme.auth_seq_num 
_pdbx_poly_seq_scheme.pdb_mon_id 
_pdbx_poly_seq_scheme.auth_mon_id 
_pdbx_poly_seq_scheme.pdb_strand_id 
_pdbx_poly_seq_scheme.pdb_ins_code 
_pdbx_poly_seq_scheme.hetero 
A 1 1 DC 1 1 1 DC C A . n 
A 1 2 DG 2 2 2 DG G A . n 
A 1 3 DT 3 3 3 DT T A . n 
A 1 4 DA 4 4 4 DA A A . n 
A 1 5 DC 5 5 5 DC C A . n 
A 1 6 DG 6 6 6 DG G A . n 
B 1 1 DC 1 1 1 DC C B . n 
B 1 2 DG 2 2 2 DG G B . n 
B 1 3 DT 3 3 3 DT T B . n 
B 1 4 DA 4 4 4 DA A B . n 
B 1 5 DC 5 5 5 DC C B . n 
B 1 6 DG 6 6 6 DG G B . n 
# 
loop_
_pdbx_nonpoly_scheme.asym_id 
_pdbx_nonpoly_scheme.entity_id 
_pdbx_nonpoly_scheme.mon_id 
_pdbx_nonpoly_scheme.ndb_seq_num 
_pdbx_nonpoly_scheme.pdb_seq_num 
_pdbx_nonpoly_scheme.auth_seq_num 
_pdbx_nonpoly_scheme.pdb_mon_id 
_pdbx_nonpoly_scheme.auth_mon_id 
_pdbx_nonpoly_scheme.pdb_strand_id 
_pdbx_nonpoly_scheme.pdb_ins_code 
C 2 SR  1  201 1   SR  SR  A . 
D 3 A4C 1  301 1   A4C DAC B . 
E 3 A4C 1  302 2   A4C DAC B . 
F 2 SR  1  202 2   SR  SR  B . 
G 4 HOH 1  202 3   HOH HOH A . 
G 4 HOH 2  203 5   HOH HOH A . 
G 4 HOH 3  204 8   HOH HOH A . 
G 4 HOH 4  205 10  HOH HOH A . 
G 4 HOH 5  206 11  HOH HOH A . 
G 4 HOH 6  207 12  HOH HOH A . 
G 4 HOH 7  208 14  HOH HOH A . 
G 4 HOH 8  209 15  HOH HOH A . 
G 4 HOH 9  210 17  HOH HOH A . 
G 4 HOH 10 211 18  HOH HOH A . 
G 4 HOH 11 212 22  HOH HOH A . 
G 4 HOH 12 213 27  HOH HOH A . 
G 4 HOH 13 214 29  HOH HOH A . 
G 4 HOH 14 215 31  HOH HOH A . 
G 4 HOH 15 216 32  HOH HOH A . 
G 4 HOH 16 217 33  HOH HOH A . 
G 4 HOH 17 218 37  HOH HOH A . 
G 4 HOH 18 219 38  HOH HOH A . 
G 4 HOH 19 220 39  HOH HOH A . 
G 4 HOH 20 221 40  HOH HOH A . 
G 4 HOH 21 222 42  HOH HOH A . 
G 4 HOH 22 223 43  HOH HOH A . 
G 4 HOH 23 224 50  HOH HOH A . 
G 4 HOH 24 225 51  HOH HOH A . 
G 4 HOH 25 226 52  HOH HOH A . 
G 4 HOH 26 227 56  HOH HOH A . 
G 4 HOH 27 228 59  HOH HOH A . 
G 4 HOH 28 229 61  HOH HOH A . 
G 4 HOH 29 230 63  HOH HOH A . 
G 4 HOH 30 231 65  HOH HOH A . 
G 4 HOH 31 232 66  HOH HOH A . 
G 4 HOH 32 233 67  HOH HOH A . 
G 4 HOH 33 234 70  HOH HOH A . 
G 4 HOH 34 235 71  HOH HOH A . 
G 4 HOH 35 236 72  HOH HOH A . 
G 4 HOH 36 237 78  HOH HOH A . 
G 4 HOH 37 238 81  HOH HOH A . 
G 4 HOH 38 239 85  HOH HOH A . 
G 4 HOH 39 240 86  HOH HOH A . 
G 4 HOH 40 241 87  HOH HOH A . 
G 4 HOH 41 242 88  HOH HOH A . 
G 4 HOH 42 243 89  HOH HOH A . 
G 4 HOH 43 244 92  HOH HOH A . 
G 4 HOH 44 245 93  HOH HOH A . 
G 4 HOH 45 246 94  HOH HOH A . 
G 4 HOH 46 247 99  HOH HOH A . 
G 4 HOH 47 248 100 HOH HOH A . 
G 4 HOH 48 249 103 HOH HOH A . 
H 4 HOH 1  303 1   HOH HOH B . 
H 4 HOH 2  304 2   HOH HOH B . 
H 4 HOH 3  305 4   HOH HOH B . 
H 4 HOH 4  306 6   HOH HOH B . 
H 4 HOH 5  307 7   HOH HOH B . 
H 4 HOH 6  308 9   HOH HOH B . 
H 4 HOH 7  309 13  HOH HOH B . 
H 4 HOH 8  310 16  HOH HOH B . 
H 4 HOH 9  311 19  HOH HOH B . 
H 4 HOH 10 312 20  HOH HOH B . 
H 4 HOH 11 313 21  HOH HOH B . 
H 4 HOH 12 314 23  HOH HOH B . 
H 4 HOH 13 315 24  HOH HOH B . 
H 4 HOH 14 316 25  HOH HOH B . 
H 4 HOH 15 317 26  HOH HOH B . 
H 4 HOH 16 318 28  HOH HOH B . 
H 4 HOH 17 319 30  HOH HOH B . 
H 4 HOH 18 320 34  HOH HOH B . 
H 4 HOH 19 321 35  HOH HOH B . 
H 4 HOH 20 322 36  HOH HOH B . 
H 4 HOH 21 323 41  HOH HOH B . 
H 4 HOH 22 324 44  HOH HOH B . 
H 4 HOH 23 325 45  HOH HOH B . 
H 4 HOH 24 326 46  HOH HOH B . 
H 4 HOH 25 327 47  HOH HOH B . 
H 4 HOH 26 328 48  HOH HOH B . 
H 4 HOH 27 329 49  HOH HOH B . 
H 4 HOH 28 330 53  HOH HOH B . 
H 4 HOH 29 331 54  HOH HOH B . 
H 4 HOH 30 332 55  HOH HOH B . 
H 4 HOH 31 333 57  HOH HOH B . 
H 4 HOH 32 334 58  HOH HOH B . 
H 4 HOH 33 335 60  HOH HOH B . 
H 4 HOH 34 336 62  HOH HOH B . 
H 4 HOH 35 337 64  HOH HOH B . 
H 4 HOH 36 338 68  HOH HOH B . 
H 4 HOH 37 339 69  HOH HOH B . 
H 4 HOH 38 340 73  HOH HOH B . 
H 4 HOH 39 341 74  HOH HOH B . 
H 4 HOH 40 342 75  HOH HOH B . 
H 4 HOH 41 343 76  HOH HOH B . 
H 4 HOH 42 344 77  HOH HOH B . 
H 4 HOH 43 345 79  HOH HOH B . 
H 4 HOH 44 346 80  HOH HOH B . 
H 4 HOH 45 347 82  HOH HOH B . 
H 4 HOH 46 348 83  HOH HOH B . 
H 4 HOH 47 349 84  HOH HOH B . 
H 4 HOH 48 350 90  HOH HOH B . 
H 4 HOH 49 351 91  HOH HOH B . 
H 4 HOH 50 352 95  HOH HOH B . 
H 4 HOH 51 353 96  HOH HOH B . 
H 4 HOH 52 354 97  HOH HOH B . 
H 4 HOH 53 355 98  HOH HOH B . 
H 4 HOH 54 356 101 HOH HOH B . 
H 4 HOH 55 357 102 HOH HOH B . 
# 
loop_
_software.name 
_software.classification 
_software.version 
_software.citation_id 
_software.pdbx_ordinal 
DENZO     'data reduction' . ? 1 
SCALEPACK 'data scaling'   . ? 2 
HKL2Map   'model building' . ? 3 
SHELXL-97 refinement       . ? 4 
HKL2Map   phasing          . ? 5 
# 
_cell.entry_id           2GB9 
_cell.length_a           37.210 
_cell.length_b           37.210 
_cell.length_c           53.480 
_cell.angle_alpha        90.00 
_cell.angle_beta         90.00 
_cell.angle_gamma        90.00 
_cell.Z_PDB              16 
_cell.pdbx_unique_axis   ? 
_cell.length_a_esd       ? 
_cell.length_b_esd       ? 
_cell.length_c_esd       ? 
_cell.angle_alpha_esd    ? 
_cell.angle_beta_esd     ? 
_cell.angle_gamma_esd    ? 
# 
_symmetry.entry_id                         2GB9 
_symmetry.space_group_name_H-M             'P 43 2 2' 
_symmetry.pdbx_full_space_group_name_H-M   ? 
_symmetry.cell_setting                     ? 
_symmetry.Int_Tables_number                95 
_symmetry.space_group_name_Hall            ? 
# 
_exptl.entry_id          2GB9 
_exptl.method            'X-RAY DIFFRACTION' 
_exptl.crystals_number   1 
# 
_exptl_crystal.id                    1 
_exptl_crystal.density_meas          ? 
_exptl_crystal.density_Matthews      2.35 
_exptl_crystal.density_percent_sol   47.6 
_exptl_crystal.description           ? 
_exptl_crystal.F_000                 ? 
_exptl_crystal.preparation           ? 
# 
_exptl_crystal_grow.crystal_id      1 
_exptl_crystal_grow.method          'VAPOR DIFFUSION, SITTING DROP' 
_exptl_crystal_grow.temp            291 
_exptl_crystal_grow.temp_details    ? 
_exptl_crystal_grow.pH              7.0 
_exptl_crystal_grow.pdbx_details    
'SODIUM CACODYLATE pH7.0, SrCl2, SPERMINE, MPD, SITTING DROP VAPOUR DIFFUSION AT 291K, VAPOR DIFFUSION, SITTING DROP' 
_exptl_crystal_grow.pdbx_pH_range   . 
# 
loop_
_exptl_crystal_grow_comp.crystal_id 
_exptl_crystal_grow_comp.id 
_exptl_crystal_grow_comp.sol_id 
_exptl_crystal_grow_comp.name 
_exptl_crystal_grow_comp.volume 
_exptl_crystal_grow_comp.conc 
_exptl_crystal_grow_comp.details 
1 1 1 'SODIUM CACODYLATE' ? ? ? 
1 2 1 SrCl2               ? ? ? 
1 3 1 SPERMINE            ? ? ? 
1 4 1 MPD                 ? ? ? 
1 5 1 H2O                 ? ? ? 
1 6 2 'SODIUM CACODYLATE' ? ? ? 
1 7 2 SrCl2               ? ? ? 
1 8 2 MPD                 ? ? ? 
# 
_diffrn.id                     1 
_diffrn.ambient_temp           100.0 
_diffrn.ambient_temp_details   ? 
_diffrn.crystal_id             1 
# 
_diffrn_detector.diffrn_id              1 
_diffrn_detector.detector               CCD 
_diffrn_detector.type                   MARRESEARCH 
_diffrn_detector.pdbx_collection_date   2005-09-02 
_diffrn_detector.details                ? 
# 
_diffrn_radiation.diffrn_id                        1 
_diffrn_radiation.wavelength_id                    1 
_diffrn_radiation.pdbx_monochromatic_or_laue_m_l   M 
_diffrn_radiation.monochromator                    ? 
_diffrn_radiation.pdbx_diffrn_protocol             'SINGLE WAVELENGTH' 
_diffrn_radiation.pdbx_scattering_type             x-ray 
# 
_diffrn_radiation_wavelength.id           1 
_diffrn_radiation_wavelength.wavelength   0.769 
_diffrn_radiation_wavelength.wt           1.0 
# 
_diffrn_source.diffrn_id                   1 
_diffrn_source.source                      SYNCHROTRON 
_diffrn_source.type                        'ESRF BEAMLINE BM14' 
_diffrn_source.pdbx_synchrotron_site       ESRF 
_diffrn_source.pdbx_synchrotron_beamline   BM14 
_diffrn_source.pdbx_wavelength             0.769 
_diffrn_source.pdbx_wavelength_list        0.769 
# 
_reflns.entry_id                     2GB9 
_reflns.observed_criterion_sigma_I   ? 
_reflns.observed_criterion_sigma_F   ? 
_reflns.d_resolution_low             37.2 
_reflns.d_resolution_high            1.70 
_reflns.number_obs                   4509 
_reflns.number_all                   4509 
_reflns.percent_possible_obs         100.0 
_reflns.pdbx_Rmerge_I_obs            0.064 
_reflns.pdbx_Rsym_value              ? 
_reflns.pdbx_netI_over_sigmaI        4.2 
_reflns.B_iso_Wilson_estimate        16.2 
_reflns.pdbx_redundancy              26.8 
_reflns.R_free_details               ? 
_reflns.pdbx_chi_squared             ? 
_reflns.pdbx_scaling_rejects         ? 
_reflns.pdbx_diffrn_id               1 
_reflns.pdbx_ordinal                 1 
# 
_reflns_shell.d_res_high             1.70 
_reflns_shell.d_res_low              1.79 
_reflns_shell.percent_possible_all   100.0 
_reflns_shell.Rmerge_I_obs           0.204 
_reflns_shell.pdbx_Rsym_value        ? 
_reflns_shell.meanI_over_sigI_obs    3.4 
_reflns_shell.pdbx_redundancy        27.9 
_reflns_shell.percent_possible_obs   ? 
_reflns_shell.number_unique_all      626 
_reflns_shell.number_measured_all    ? 
_reflns_shell.number_measured_obs    ? 
_reflns_shell.number_unique_obs      ? 
_reflns_shell.pdbx_chi_squared       ? 
_reflns_shell.pdbx_diffrn_id         ? 
_reflns_shell.pdbx_ordinal           1 
# 
_refine.entry_id                                 2GB9 
_refine.ls_number_reflns_obs                     4204 
_refine.ls_number_reflns_all                     4204 
_refine.pdbx_ls_sigma_I                          ? 
_refine.pdbx_ls_sigma_F                          0.0 
_refine.pdbx_data_cutoff_high_absF               ? 
_refine.pdbx_data_cutoff_low_absF                ? 
_refine.pdbx_data_cutoff_high_rms_absF           ? 
_refine.ls_d_res_low                             8.00 
_refine.ls_d_res_high                            1.70 
_refine.ls_percent_reflns_obs                    95.0 
_refine.ls_R_factor_obs                          ? 
_refine.ls_R_factor_all                          ? 
_refine.ls_R_factor_R_work                       0.213 
_refine.ls_R_factor_R_free                       0.2544 
_refine.ls_R_factor_R_free_error                 ? 
_refine.ls_R_factor_R_free_error_details         ? 
_refine.ls_percent_reflns_R_free                 5.0 
_refine.ls_number_reflns_R_free                  221 
_refine.ls_number_parameters                     1589 
_refine.ls_number_restraints                     1895 
_refine.occupancy_min                            ? 
_refine.occupancy_max                            ? 
_refine.correlation_coeff_Fo_to_Fc               ? 
_refine.correlation_coeff_Fo_to_Fc_free          ? 
_refine.B_iso_mean                               ? 
_refine.aniso_B[1][1]                            ? 
_refine.aniso_B[2][2]                            ? 
_refine.aniso_B[3][3]                            ? 
_refine.aniso_B[1][2]                            ? 
_refine.aniso_B[1][3]                            ? 
_refine.aniso_B[2][3]                            ? 
_refine.solvent_model_details                    ? 
_refine.solvent_model_param_ksol                 ? 
_refine.solvent_model_param_bsol                 ? 
_refine.pdbx_solvent_vdw_probe_radii             ? 
_refine.pdbx_solvent_ion_probe_radii             ? 
_refine.pdbx_solvent_shrinkage_radii             ? 
_refine.pdbx_ls_cross_valid_method               'FREE R' 
_refine.details                                  'ANISOTROPIC REFINEMENT REDUCED FREE R (NO CUTOFF)' 
_refine.pdbx_starting_model                      ? 
_refine.pdbx_method_to_determine_struct          SAD 
_refine.pdbx_isotropic_thermal_model             ? 
_refine.pdbx_stereochemistry_target_values       'ENGH AND HUBER' 
_refine.pdbx_stereochem_target_val_spec_case     ? 
_refine.pdbx_R_Free_selection_details            RANDOM 
_refine.pdbx_overall_ESU_R                       ? 
_refine.pdbx_overall_ESU_R_Free                  ? 
_refine.overall_SU_ML                            ? 
_refine.overall_SU_B                             ? 
_refine.ls_redundancy_reflns_obs                 ? 
_refine.overall_SU_R_Cruickshank_DPI             ? 
_refine.overall_SU_R_free                        ? 
_refine.ls_wR_factor_R_free                      ? 
_refine.ls_wR_factor_R_work                      ? 
_refine.overall_FOM_free_R_set                   ? 
_refine.overall_FOM_work_R_set                   ? 
_refine.pdbx_refine_id                           'X-RAY DIFFRACTION' 
_refine.pdbx_diffrn_id                           1 
_refine.pdbx_TLS_residual_ADP_flag               ? 
_refine.pdbx_overall_phase_error                 ? 
_refine.pdbx_overall_SU_R_free_Cruickshank_DPI   ? 
_refine.pdbx_overall_SU_R_Blow_DPI               ? 
_refine.pdbx_overall_SU_R_free_Blow_DPI          ? 
# 
_refine_analyze.entry_id                        2GB9 
_refine_analyze.Luzzati_coordinate_error_obs    ? 
_refine_analyze.Luzzati_sigma_a_obs             ? 
_refine_analyze.Luzzati_d_res_low_obs           ? 
_refine_analyze.Luzzati_coordinate_error_free   ? 
_refine_analyze.Luzzati_sigma_a_free            ? 
_refine_analyze.Luzzati_d_res_low_free          ? 
_refine_analyze.number_disordered_residues      0 
_refine_analyze.occupancy_sum_hydrogen          0.00 
_refine_analyze.occupancy_sum_non_hydrogen      393.00 
_refine_analyze.pdbx_refine_id                  'X-RAY DIFFRACTION' 
# 
_refine_hist.pdbx_refine_id                   'X-RAY DIFFRACTION' 
_refine_hist.cycle_id                         LAST 
_refine_hist.pdbx_number_atoms_protein        0 
_refine_hist.pdbx_number_atoms_nucleic_acid   240 
_refine_hist.pdbx_number_atoms_ligand         54 
_refine_hist.number_atoms_solvent             103 
_refine_hist.number_atoms_total               397 
_refine_hist.d_res_high                       1.70 
_refine_hist.d_res_low                        8.00 
# 
loop_
_refine_ls_restr.type 
_refine_ls_restr.dev_ideal 
_refine_ls_restr.dev_ideal_target 
_refine_ls_restr.weight 
_refine_ls_restr.number 
_refine_ls_restr.pdbx_refine_id 
_refine_ls_restr.pdbx_restraint_function 
s_bond_d               0.026  ? ? ? 'X-RAY DIFFRACTION' ? 
s_angle_d              0.021  ? ? ? 'X-RAY DIFFRACTION' ? 
s_similar_dist         0.000  ? ? ? 'X-RAY DIFFRACTION' ? 
s_from_restr_planes    0.0045 ? ? ? 'X-RAY DIFFRACTION' ? 
s_zero_chiral_vol      0.000  ? ? ? 'X-RAY DIFFRACTION' ? 
s_non_zero_chiral_vol  0.000  ? ? ? 'X-RAY DIFFRACTION' ? 
s_anti_bump_dis_restr  0.012  ? ? ? 'X-RAY DIFFRACTION' ? 
s_rigid_bond_adp_cmpnt 0.000  ? ? ? 'X-RAY DIFFRACTION' ? 
s_similar_adp_cmpnt    0.063  ? ? ? 'X-RAY DIFFRACTION' ? 
s_approx_iso_adps      0.000  ? ? ? 'X-RAY DIFFRACTION' ? 
# 
_pdbx_refine.entry_id                                    2GB9 
_pdbx_refine.R_factor_all_no_cutoff                      ? 
_pdbx_refine.R_factor_obs_no_cutoff                      0.213 
_pdbx_refine.free_R_factor_no_cutoff                     0.2544 
_pdbx_refine.free_R_val_test_set_size_perc_no_cutoff     5.0 
_pdbx_refine.free_R_val_test_set_ct_no_cutoff            221 
_pdbx_refine.R_factor_all_4sig_cutoff                    ? 
_pdbx_refine.R_factor_obs_4sig_cutoff                    ? 
_pdbx_refine.free_R_factor_4sig_cutoff                   ? 
_pdbx_refine.free_R_val_test_set_size_perc_4sig_cutoff   ? 
_pdbx_refine.free_R_val_test_set_ct_4sig_cutoff          ? 
_pdbx_refine.number_reflns_obs_4sig_cutoff               ? 
_pdbx_refine.pdbx_refine_id                              'X-RAY DIFFRACTION' 
_pdbx_refine.free_R_error_no_cutoff                      ? 
# 
_struct.entry_id                  2GB9 
_struct.title                     'd(CGTACG)2 crosslinked bis-acridine complex' 
_struct.pdbx_model_details        ? 
_struct.pdbx_CASP_flag            ? 
_struct.pdbx_model_type_details   ? 
# 
_struct_keywords.entry_id        2GB9 
_struct_keywords.pdbx_keywords   DNA 
_struct_keywords.text            'DNA DUPLEX CROSSLINKING, DNA' 
# 
loop_
_struct_asym.id 
_struct_asym.pdbx_blank_PDB_chainid_flag 
_struct_asym.pdbx_modified 
_struct_asym.entity_id 
_struct_asym.details 
A N N 1 ? 
B N N 1 ? 
C N N 2 ? 
D N N 3 ? 
E N N 3 ? 
F N N 2 ? 
G N N 4 ? 
H N N 4 ? 
# 
_struct_ref.id                         1 
_struct_ref.entity_id                  1 
_struct_ref.db_name                    PDB 
_struct_ref.db_code                    2GB9 
_struct_ref.pdbx_db_accession          2GB9 
_struct_ref.pdbx_db_isoform            ? 
_struct_ref.pdbx_seq_one_letter_code   ? 
_struct_ref.pdbx_align_begin           ? 
# 
loop_
_struct_ref_seq.align_id 
_struct_ref_seq.ref_id 
_struct_ref_seq.pdbx_PDB_id_code 
_struct_ref_seq.pdbx_strand_id 
_struct_ref_seq.seq_align_beg 
_struct_ref_seq.pdbx_seq_align_beg_ins_code 
_struct_ref_seq.seq_align_end 
_struct_ref_seq.pdbx_seq_align_end_ins_code 
_struct_ref_seq.pdbx_db_accession 
_struct_ref_seq.db_align_beg 
_struct_ref_seq.pdbx_db_align_beg_ins_code 
_struct_ref_seq.db_align_end 
_struct_ref_seq.pdbx_db_align_end_ins_code 
_struct_ref_seq.pdbx_auth_seq_align_beg 
_struct_ref_seq.pdbx_auth_seq_align_end 
1 1 2GB9 A 1 ? 6 ? 2GB9 1 ? 6 ? 1 6 
2 1 2GB9 B 1 ? 6 ? 2GB9 1 ? 6 ? 1 6 
# 
_pdbx_struct_assembly.id                   1 
_pdbx_struct_assembly.details              author_defined_assembly 
_pdbx_struct_assembly.method_details       ? 
_pdbx_struct_assembly.oligomeric_details   hexameric 
_pdbx_struct_assembly.oligomeric_count     6 
# 
_pdbx_struct_assembly_gen.assembly_id       1 
_pdbx_struct_assembly_gen.oper_expression   1,2,3 
_pdbx_struct_assembly_gen.asym_id_list      A,B,C,D,E,F,G,H 
# 
loop_
_pdbx_struct_oper_list.id 
_pdbx_struct_oper_list.type 
_pdbx_struct_oper_list.name 
_pdbx_struct_oper_list.symmetry_operation 
_pdbx_struct_oper_list.matrix[1][1] 
_pdbx_struct_oper_list.matrix[1][2] 
_pdbx_struct_oper_list.matrix[1][3] 
_pdbx_struct_oper_list.vector[1] 
_pdbx_struct_oper_list.matrix[2][1] 
_pdbx_struct_oper_list.matrix[2][2] 
_pdbx_struct_oper_list.matrix[2][3] 
_pdbx_struct_oper_list.vector[2] 
_pdbx_struct_oper_list.matrix[3][1] 
_pdbx_struct_oper_list.matrix[3][2] 
_pdbx_struct_oper_list.matrix[3][3] 
_pdbx_struct_oper_list.vector[3] 
1 'identity operation'         1_555 x,y,z         1.0000000000  0.0000000000 0.0000000000  0.0000000000  0.0000000000 1.0000000000  0.0000000000  0.0000000000  0.0000000000  0.0000000000  1.0000000000  0.0000000000  
2 'crystal symmetry operation' 5_655 -x+1,y,-z     0.1388758028  0.4116270922 -0.9007089699 0.0259371143  0.4116270922 -0.8512244596 -0.3255457823 17.6751829456 -0.9007089699 -0.3255457823 -0.2876513432 8.1104147467  
3 'crystal symmetry operation' 6_565 x,-y+1,-z+1/2 -0.6121140725 0.4084507629 0.6771147144  20.6586890223 0.4084507629 -0.5698941006 0.7130138066  -6.5080059958 0.6771147144  0.7130138066  0.1820081730  -7.9085783017 
# 
_struct_biol.id                    1 
_struct_biol.details               
;The other halves of the two drugs in the asymmetric unit are generated by the symmetry operations (1-x,y,-z) and (x,1-y,-z+0.5) respectively.
;
_struct_biol.pdbx_parent_biol_id   ? 
# 
loop_
_struct_conn.id 
_struct_conn.conn_type_id 
_struct_conn.pdbx_leaving_atom_flag 
_struct_conn.pdbx_PDB_id 
_struct_conn.ptnr1_label_asym_id 
_struct_conn.ptnr1_label_comp_id 
_struct_conn.ptnr1_label_seq_id 
_struct_conn.ptnr1_label_atom_id 
_struct_conn.pdbx_ptnr1_label_alt_id 
_struct_conn.pdbx_ptnr1_PDB_ins_code 
_struct_conn.pdbx_ptnr1_standard_comp_id 
_struct_conn.ptnr1_symmetry 
_struct_conn.ptnr2_label_asym_id 
_struct_conn.ptnr2_label_comp_id 
_struct_conn.ptnr2_label_seq_id 
_struct_conn.ptnr2_label_atom_id 
_struct_conn.pdbx_ptnr2_label_alt_id 
_struct_conn.pdbx_ptnr2_PDB_ins_code 
_struct_conn.ptnr1_auth_asym_id 
_struct_conn.ptnr1_auth_comp_id 
_struct_conn.ptnr1_auth_seq_id 
_struct_conn.ptnr2_auth_asym_id 
_struct_conn.ptnr2_auth_comp_id 
_struct_conn.ptnr2_auth_seq_id 
_struct_conn.ptnr2_symmetry 
_struct_conn.pdbx_ptnr3_label_atom_id 
_struct_conn.pdbx_ptnr3_label_seq_id 
_struct_conn.pdbx_ptnr3_label_comp_id 
_struct_conn.pdbx_ptnr3_label_asym_id 
_struct_conn.pdbx_ptnr3_label_alt_id 
_struct_conn.pdbx_ptnr3_PDB_ins_code 
_struct_conn.details 
_struct_conn.pdbx_dist_value 
_struct_conn.pdbx_value_order 
_struct_conn.pdbx_role 
covale1  covale none ? D A4C . CX3 ? ? ? 1_555 D A4C . CX3 ? ? B A4C 301 B A4C 301 5_655 ? ? ? ? ? ? ?            1.527 ? ? 
covale2  covale none ? E A4C . CX3 ? ? ? 1_555 E A4C . CX3 ? ? B A4C 302 B A4C 302 6_565 ? ? ? ? ? ? ?            1.513 ? ? 
metalc1  metalc ?    ? C SR  . SR  ? ? ? 1_555 G HOH . O   ? ? A SR  201 A HOH 227 1_555 ? ? ? ? ? ? ?            2.853 ? ? 
metalc2  metalc ?    ? C SR  . SR  ? ? ? 1_555 G HOH . O   ? ? A SR  201 A HOH 235 1_555 ? ? ? ? ? ? ?            2.840 ? ? 
metalc3  metalc ?    ? C SR  . SR  ? ? ? 1_555 H HOH . O   ? ? A SR  201 B HOH 313 1_555 ? ? ? ? ? ? ?            2.623 ? ? 
metalc4  metalc ?    ? C SR  . SR  ? ? ? 1_555 H HOH . O   ? ? A SR  201 B HOH 315 1_555 ? ? ? ? ? ? ?            2.486 ? ? 
metalc5  metalc ?    ? C SR  . SR  ? ? ? 1_555 H HOH . O   ? ? A SR  201 B HOH 333 1_555 ? ? ? ? ? ? ?            2.678 ? ? 
metalc6  metalc ?    ? C SR  . SR  ? ? ? 1_555 H HOH . O   ? ? A SR  201 B HOH 356 1_555 ? ? ? ? ? ? ?            2.840 ? ? 
metalc7  metalc ?    ? F SR  . SR  ? ? ? 1_555 H HOH . O   ? ? B SR  202 B HOH 316 1_555 ? ? ? ? ? ? ?            2.651 ? ? 
metalc8  metalc ?    ? F SR  . SR  ? ? ? 1_555 H HOH . O   ? ? B SR  202 B HOH 316 8_664 ? ? ? ? ? ? ?            2.651 ? ? 
metalc9  metalc ?    ? F SR  . SR  ? ? ? 1_555 H HOH . O   ? ? B SR  202 B HOH 349 1_555 ? ? ? ? ? ? ?            2.211 ? ? 
metalc10 metalc ?    ? F SR  . SR  ? ? ? 1_555 H HOH . O   ? ? B SR  202 B HOH 349 8_664 ? ? ? ? ? ? ?            2.211 ? ? 
hydrog1  hydrog ?    ? A DC  1 N3  ? ? ? 1_555 B DG  6 N1  ? ? A DC  1   B DG  6   1_555 ? ? ? ? ? ? WATSON-CRICK ?     ? ? 
hydrog2  hydrog ?    ? A DC  1 N4  ? ? ? 1_555 B DG  6 O6  ? ? A DC  1   B DG  6   1_555 ? ? ? ? ? ? WATSON-CRICK ?     ? ? 
hydrog3  hydrog ?    ? A DC  1 O2  ? ? ? 1_555 B DG  6 N2  ? ? A DC  1   B DG  6   1_555 ? ? ? ? ? ? WATSON-CRICK ?     ? ? 
hydrog4  hydrog ?    ? A DG  2 N1  ? ? ? 1_555 B DC  5 N3  ? ? A DG  2   B DC  5   1_555 ? ? ? ? ? ? WATSON-CRICK ?     ? ? 
hydrog5  hydrog ?    ? A DG  2 N2  ? ? ? 1_555 B DC  5 O2  ? ? A DG  2   B DC  5   1_555 ? ? ? ? ? ? WATSON-CRICK ?     ? ? 
hydrog6  hydrog ?    ? A DG  2 O6  ? ? ? 1_555 B DC  5 N4  ? ? A DG  2   B DC  5   1_555 ? ? ? ? ? ? WATSON-CRICK ?     ? ? 
hydrog7  hydrog ?    ? A DT  3 N3  ? ? ? 1_555 B DA  4 N1  ? ? A DT  3   B DA  4   1_555 ? ? ? ? ? ? WATSON-CRICK ?     ? ? 
hydrog8  hydrog ?    ? A DT  3 O4  ? ? ? 1_555 B DA  4 N6  ? ? A DT  3   B DA  4   1_555 ? ? ? ? ? ? WATSON-CRICK ?     ? ? 
hydrog9  hydrog ?    ? A DA  4 N1  ? ? ? 1_555 B DT  3 N3  ? ? A DA  4   B DT  3   1_555 ? ? ? ? ? ? WATSON-CRICK ?     ? ? 
hydrog10 hydrog ?    ? A DA  4 N6  ? ? ? 1_555 B DT  3 O4  ? ? A DA  4   B DT  3   1_555 ? ? ? ? ? ? WATSON-CRICK ?     ? ? 
hydrog11 hydrog ?    ? A DC  5 N3  ? ? ? 1_555 B DG  2 N1  ? ? A DC  5   B DG  2   1_555 ? ? ? ? ? ? WATSON-CRICK ?     ? ? 
hydrog12 hydrog ?    ? A DC  5 N4  ? ? ? 1_555 B DG  2 O6  ? ? A DC  5   B DG  2   1_555 ? ? ? ? ? ? WATSON-CRICK ?     ? ? 
hydrog13 hydrog ?    ? A DC  5 O2  ? ? ? 1_555 B DG  2 N2  ? ? A DC  5   B DG  2   1_555 ? ? ? ? ? ? WATSON-CRICK ?     ? ? 
hydrog14 hydrog ?    ? A DG  6 N1  ? ? ? 1_555 B DC  1 N3  ? ? A DG  6   B DC  1   1_555 ? ? ? ? ? ? WATSON-CRICK ?     ? ? 
hydrog15 hydrog ?    ? A DG  6 N2  ? ? ? 1_555 B DC  1 O2  ? ? A DG  6   B DC  1   1_555 ? ? ? ? ? ? WATSON-CRICK ?     ? ? 
hydrog16 hydrog ?    ? A DG  6 O6  ? ? ? 1_555 B DC  1 N4  ? ? A DG  6   B DC  1   1_555 ? ? ? ? ? ? WATSON-CRICK ?     ? ? 
# 
loop_
_struct_conn_type.id 
_struct_conn_type.criteria 
_struct_conn_type.reference 
covale ? ? 
metalc ? ? 
hydrog ? ? 
# 
loop_
_pdbx_struct_conn_angle.id 
_pdbx_struct_conn_angle.ptnr1_label_atom_id 
_pdbx_struct_conn_angle.ptnr1_label_alt_id 
_pdbx_struct_conn_angle.ptnr1_label_asym_id 
_pdbx_struct_conn_angle.ptnr1_label_comp_id 
_pdbx_struct_conn_angle.ptnr1_label_seq_id 
_pdbx_struct_conn_angle.ptnr1_auth_atom_id 
_pdbx_struct_conn_angle.ptnr1_auth_asym_id 
_pdbx_struct_conn_angle.ptnr1_auth_comp_id 
_pdbx_struct_conn_angle.ptnr1_auth_seq_id 
_pdbx_struct_conn_angle.ptnr1_PDB_ins_code 
_pdbx_struct_conn_angle.ptnr1_symmetry 
_pdbx_struct_conn_angle.ptnr2_label_atom_id 
_pdbx_struct_conn_angle.ptnr2_label_alt_id 
_pdbx_struct_conn_angle.ptnr2_label_asym_id 
_pdbx_struct_conn_angle.ptnr2_label_comp_id 
_pdbx_struct_conn_angle.ptnr2_label_seq_id 
_pdbx_struct_conn_angle.ptnr2_auth_atom_id 
_pdbx_struct_conn_angle.ptnr2_auth_asym_id 
_pdbx_struct_conn_angle.ptnr2_auth_comp_id 
_pdbx_struct_conn_angle.ptnr2_auth_seq_id 
_pdbx_struct_conn_angle.ptnr2_PDB_ins_code 
_pdbx_struct_conn_angle.ptnr2_symmetry 
_pdbx_struct_conn_angle.ptnr3_label_atom_id 
_pdbx_struct_conn_angle.ptnr3_label_alt_id 
_pdbx_struct_conn_angle.ptnr3_label_asym_id 
_pdbx_struct_conn_angle.ptnr3_label_comp_id 
_pdbx_struct_conn_angle.ptnr3_label_seq_id 
_pdbx_struct_conn_angle.ptnr3_auth_atom_id 
_pdbx_struct_conn_angle.ptnr3_auth_asym_id 
_pdbx_struct_conn_angle.ptnr3_auth_comp_id 
_pdbx_struct_conn_angle.ptnr3_auth_seq_id 
_pdbx_struct_conn_angle.ptnr3_PDB_ins_code 
_pdbx_struct_conn_angle.ptnr3_symmetry 
_pdbx_struct_conn_angle.value 
_pdbx_struct_conn_angle.value_esd 
1  O ? G HOH . ? A HOH 227 ? 1_555 SR ? C SR . ? A SR 201 ? 1_555 O ? G HOH . ? A HOH 235 ? 1_555 64.8  ? 
2  O ? G HOH . ? A HOH 227 ? 1_555 SR ? C SR . ? A SR 201 ? 1_555 O ? H HOH . ? B HOH 313 ? 1_555 149.5 ? 
3  O ? G HOH . ? A HOH 235 ? 1_555 SR ? C SR . ? A SR 201 ? 1_555 O ? H HOH . ? B HOH 313 ? 1_555 139.6 ? 
4  O ? G HOH . ? A HOH 227 ? 1_555 SR ? C SR . ? A SR 201 ? 1_555 O ? H HOH . ? B HOH 315 ? 1_555 142.3 ? 
5  O ? G HOH . ? A HOH 235 ? 1_555 SR ? C SR . ? A SR 201 ? 1_555 O ? H HOH . ? B HOH 315 ? 1_555 82.4  ? 
6  O ? H HOH . ? B HOH 313 ? 1_555 SR ? C SR . ? A SR 201 ? 1_555 O ? H HOH . ? B HOH 315 ? 1_555 68.2  ? 
7  O ? G HOH . ? A HOH 227 ? 1_555 SR ? C SR . ? A SR 201 ? 1_555 O ? H HOH . ? B HOH 333 ? 1_555 95.1  ? 
8  O ? G HOH . ? A HOH 235 ? 1_555 SR ? C SR . ? A SR 201 ? 1_555 O ? H HOH . ? B HOH 333 ? 1_555 155.1 ? 
9  O ? H HOH . ? B HOH 313 ? 1_555 SR ? C SR . ? A SR 201 ? 1_555 O ? H HOH . ? B HOH 333 ? 1_555 64.8  ? 
10 O ? H HOH . ? B HOH 315 ? 1_555 SR ? C SR . ? A SR 201 ? 1_555 O ? H HOH . ? B HOH 333 ? 1_555 110.1 ? 
11 O ? G HOH . ? A HOH 227 ? 1_555 SR ? C SR . ? A SR 201 ? 1_555 O ? H HOH . ? B HOH 356 ? 1_555 88.4  ? 
12 O ? G HOH . ? A HOH 235 ? 1_555 SR ? C SR . ? A SR 201 ? 1_555 O ? H HOH . ? B HOH 356 ? 1_555 57.5  ? 
13 O ? H HOH . ? B HOH 313 ? 1_555 SR ? C SR . ? A SR 201 ? 1_555 O ? H HOH . ? B HOH 356 ? 1_555 119.4 ? 
14 O ? H HOH . ? B HOH 315 ? 1_555 SR ? C SR . ? A SR 201 ? 1_555 O ? H HOH . ? B HOH 356 ? 1_555 57.2  ? 
15 O ? H HOH . ? B HOH 333 ? 1_555 SR ? C SR . ? A SR 201 ? 1_555 O ? H HOH . ? B HOH 356 ? 1_555 110.3 ? 
16 O ? H HOH . ? B HOH 316 ? 1_555 SR ? F SR . ? B SR 202 ? 1_555 O ? H HOH . ? B HOH 316 ? 8_664 152.4 ? 
17 O ? H HOH . ? B HOH 316 ? 1_555 SR ? F SR . ? B SR 202 ? 1_555 O ? H HOH . ? B HOH 349 ? 1_555 89.3  ? 
18 O ? H HOH . ? B HOH 316 ? 8_664 SR ? F SR . ? B SR 202 ? 1_555 O ? H HOH . ? B HOH 349 ? 1_555 80.4  ? 
19 O ? H HOH . ? B HOH 316 ? 1_555 SR ? F SR . ? B SR 202 ? 1_555 O ? H HOH . ? B HOH 349 ? 8_664 80.4  ? 
20 O ? H HOH . ? B HOH 316 ? 8_664 SR ? F SR . ? B SR 202 ? 1_555 O ? H HOH . ? B HOH 349 ? 8_664 89.3  ? 
21 O ? H HOH . ? B HOH 349 ? 1_555 SR ? F SR . ? B SR 202 ? 1_555 O ? H HOH . ? B HOH 349 ? 8_664 136.2 ? 
# 
loop_
_struct_site.id 
_struct_site.pdbx_evidence_code 
_struct_site.pdbx_auth_asym_id 
_struct_site.pdbx_auth_comp_id 
_struct_site.pdbx_auth_seq_id 
_struct_site.pdbx_auth_ins_code 
_struct_site.pdbx_num_residues 
_struct_site.details 
AC1 Software B A4C 301 ? 7 'BINDING SITE FOR RESIDUE A4C B 301' 
AC2 Software B A4C 302 ? 9 'BINDING SITE FOR RESIDUE A4C B 302' 
AC3 Software A SR  201 ? 6 'BINDING SITE FOR RESIDUE SR A 201'  
AC4 Software B SR  202 ? 4 'BINDING SITE FOR RESIDUE SR B 202'  
1   ?        ? ?   ?   ? ? ?                                    
# 
loop_
_struct_site_gen.id 
_struct_site_gen.site_id 
_struct_site_gen.pdbx_num_res 
_struct_site_gen.label_comp_id 
_struct_site_gen.label_asym_id 
_struct_site_gen.label_seq_id 
_struct_site_gen.pdbx_auth_ins_code 
_struct_site_gen.auth_comp_id 
_struct_site_gen.auth_asym_id 
_struct_site_gen.auth_seq_id 
_struct_site_gen.label_atom_id 
_struct_site_gen.label_alt_id 
_struct_site_gen.symmetry 
_struct_site_gen.details 
1  AC1 7 DC  A 5 ? DC  A 5   . ? 1_555 ? 
2  AC1 7 DG  A 6 ? DG  A 6   . ? 1_555 ? 
3  AC1 7 DC  B 1 ? DC  B 1   . ? 1_555 ? 
4  AC1 7 DG  B 2 ? DG  B 2   . ? 1_555 ? 
5  AC1 7 DT  B 3 ? DT  B 3   . ? 1_555 ? 
6  AC1 7 HOH H . ? HOH B 304 . ? 1_555 ? 
7  AC1 7 HOH H . ? HOH B 342 . ? 1_555 ? 
8  AC2 9 DC  A 1 ? DC  A 1   . ? 1_555 ? 
9  AC2 9 DG  A 2 ? DG  A 2   . ? 1_555 ? 
10 AC2 9 DG  A 2 ? DG  A 2   . ? 6_565 ? 
11 AC2 9 DG  A 6 ? DG  A 6   . ? 7_655 ? 
12 AC2 9 HOH G . ? HOH A 229 . ? 7_655 ? 
13 AC2 9 DC  B 5 ? DC  B 5   . ? 1_555 ? 
14 AC2 9 DG  B 6 ? DG  B 6   . ? 1_555 ? 
15 AC2 9 HOH H . ? HOH B 317 . ? 1_555 ? 
16 AC2 9 HOH H . ? HOH B 321 . ? 1_555 ? 
17 AC3 6 HOH G . ? HOH A 227 . ? 1_555 ? 
18 AC3 6 HOH G . ? HOH A 235 . ? 1_555 ? 
19 AC3 6 HOH H . ? HOH B 313 . ? 1_555 ? 
20 AC3 6 HOH H . ? HOH B 315 . ? 1_555 ? 
21 AC3 6 HOH H . ? HOH B 333 . ? 1_555 ? 
22 AC3 6 HOH H . ? HOH B 356 . ? 1_555 ? 
23 AC4 4 HOH H . ? HOH B 316 . ? 8_664 ? 
24 AC4 4 HOH H . ? HOH B 316 . ? 1_555 ? 
25 AC4 4 HOH H . ? HOH B 349 . ? 1_555 ? 
26 AC4 4 HOH H . ? HOH B 349 . ? 8_664 ? 
# 
loop_
_pdbx_validate_rmsd_bond.id 
_pdbx_validate_rmsd_bond.PDB_model_num 
_pdbx_validate_rmsd_bond.auth_atom_id_1 
_pdbx_validate_rmsd_bond.auth_asym_id_1 
_pdbx_validate_rmsd_bond.auth_comp_id_1 
_pdbx_validate_rmsd_bond.auth_seq_id_1 
_pdbx_validate_rmsd_bond.PDB_ins_code_1 
_pdbx_validate_rmsd_bond.label_alt_id_1 
_pdbx_validate_rmsd_bond.auth_atom_id_2 
_pdbx_validate_rmsd_bond.auth_asym_id_2 
_pdbx_validate_rmsd_bond.auth_comp_id_2 
_pdbx_validate_rmsd_bond.auth_seq_id_2 
_pdbx_validate_rmsd_bond.PDB_ins_code_2 
_pdbx_validate_rmsd_bond.label_alt_id_2 
_pdbx_validate_rmsd_bond.bond_value 
_pdbx_validate_rmsd_bond.bond_target_value 
_pdbx_validate_rmsd_bond.bond_deviation 
_pdbx_validate_rmsd_bond.bond_standard_deviation 
_pdbx_validate_rmsd_bond.linker_flag 
1 1 "O4'" A DT 3 ? ? "C1'" A DT 3 ? ? 1.503 1.420 0.083 0.011 N 
2 1 "O4'" A DA 4 ? ? "C1'" A DA 4 ? ? 1.492 1.420 0.072 0.011 N 
3 1 "C5'" A DC 5 ? ? "C4'" A DC 5 ? ? 1.558 1.512 0.046 0.007 N 
4 1 "C1'" A DG 6 ? ? N9    A DG 6 ? ? 1.571 1.488 0.083 0.013 N 
5 1 C6    A DG 6 ? ? N1    A DG 6 ? ? 1.433 1.391 0.042 0.007 N 
6 1 "O4'" B DC 1 ? ? "C1'" B DC 1 ? ? 1.490 1.420 0.070 0.011 N 
7 1 "C1'" B DG 2 ? ? N9    B DG 2 ? ? 1.571 1.488 0.083 0.013 N 
8 1 "C5'" B DG 6 ? ? "C4'" B DG 6 ? ? 1.571 1.512 0.059 0.007 N 
9 1 "C1'" B DG 6 ? ? N9    B DG 6 ? ? 1.570 1.488 0.082 0.013 N 
# 
loop_
_pdbx_validate_rmsd_angle.id 
_pdbx_validate_rmsd_angle.PDB_model_num 
_pdbx_validate_rmsd_angle.auth_atom_id_1 
_pdbx_validate_rmsd_angle.auth_asym_id_1 
_pdbx_validate_rmsd_angle.auth_comp_id_1 
_pdbx_validate_rmsd_angle.auth_seq_id_1 
_pdbx_validate_rmsd_angle.PDB_ins_code_1 
_pdbx_validate_rmsd_angle.label_alt_id_1 
_pdbx_validate_rmsd_angle.auth_atom_id_2 
_pdbx_validate_rmsd_angle.auth_asym_id_2 
_pdbx_validate_rmsd_angle.auth_comp_id_2 
_pdbx_validate_rmsd_angle.auth_seq_id_2 
_pdbx_validate_rmsd_angle.PDB_ins_code_2 
_pdbx_validate_rmsd_angle.label_alt_id_2 
_pdbx_validate_rmsd_angle.auth_atom_id_3 
_pdbx_validate_rmsd_angle.auth_asym_id_3 
_pdbx_validate_rmsd_angle.auth_comp_id_3 
_pdbx_validate_rmsd_angle.auth_seq_id_3 
_pdbx_validate_rmsd_angle.PDB_ins_code_3 
_pdbx_validate_rmsd_angle.label_alt_id_3 
_pdbx_validate_rmsd_angle.angle_value 
_pdbx_validate_rmsd_angle.angle_target_value 
_pdbx_validate_rmsd_angle.angle_deviation 
_pdbx_validate_rmsd_angle.angle_standard_deviation 
_pdbx_validate_rmsd_angle.linker_flag 
1  1 "O4'" A DC 1 ? ? "C1'" A DC 1 ? ? N1    A DC 1 ? ? 101.30 108.00 -6.70  0.70 N 
2  1 C2    A DG 2 ? ? N3    A DG 2 ? ? C4    A DG 2 ? ? 108.82 111.90 -3.08  0.50 N 
3  1 N1    A DT 3 ? ? "C1'" A DT 3 ? ? "C2'" A DT 3 ? ? 123.69 114.30 9.39   1.40 N 
4  1 C6    A DT 3 ? ? N1    A DT 3 ? ? C2    A DT 3 ? ? 124.76 121.30 3.46   0.50 N 
5  1 N3    A DT 3 ? ? C2    A DT 3 ? ? O2    A DT 3 ? ? 126.88 122.30 4.58   0.60 N 
6  1 C4    A DT 3 ? ? C5    A DT 3 ? ? C7    A DT 3 ? ? 123.20 119.00 4.20   0.60 N 
7  1 "O4'" A DA 4 ? ? "C1'" A DA 4 ? ? N9    A DA 4 ? ? 99.66  108.00 -8.34  0.70 N 
8  1 OP1   A DC 5 ? ? P     A DC 5 ? ? OP2   A DC 5 ? ? 129.19 119.60 9.59   1.50 N 
9  1 N1    A DC 5 ? ? "C1'" A DC 5 ? ? "C2'" A DC 5 ? ? 126.29 114.30 11.99  1.40 N 
10 1 "O4'" A DC 5 ? ? "C1'" A DC 5 ? ? N1    A DC 5 ? ? 120.28 108.30 11.98  0.30 N 
11 1 C6    A DC 5 ? ? N1    A DC 5 ? ? "C1'" A DC 5 ? ? 113.08 120.80 -7.72  1.20 N 
12 1 "O4'" A DG 6 ? ? "C1'" A DG 6 ? ? N9    A DG 6 ? ? 96.42  108.00 -11.58 0.70 N 
13 1 N1    A DG 6 ? ? C6    A DG 6 ? ? O6    A DG 6 ? ? 115.88 119.90 -4.02  0.60 N 
14 1 C5    A DG 6 ? ? C6    A DG 6 ? ? O6    A DG 6 ? ? 132.81 128.60 4.21   0.60 N 
15 1 N1    B DC 1 ? ? "C1'" B DC 1 ? ? "C2'" B DC 1 ? ? 127.16 114.30 12.86  1.40 N 
16 1 C6    B DC 1 ? ? N1    B DC 1 ? ? C2    B DC 1 ? ? 125.17 120.30 4.87   0.40 N 
17 1 N3    B DC 1 ? ? C4    B DC 1 ? ? C5    B DC 1 ? ? 124.44 121.90 2.54   0.40 N 
18 1 "O4'" B DG 2 ? ? "C1'" B DG 2 ? ? N9    B DG 2 ? ? 97.62  108.00 -10.38 0.70 N 
19 1 N1    B DT 3 ? ? "C1'" B DT 3 ? ? "C2'" B DT 3 ? ? 133.13 114.30 18.83  1.40 N 
20 1 "O4'" B DT 3 ? ? "C1'" B DT 3 ? ? N1    B DT 3 ? ? 103.32 108.00 -4.68  0.70 N 
21 1 C6    B DT 3 ? ? N1    B DT 3 ? ? C2    B DT 3 ? ? 118.13 121.30 -3.17  0.50 N 
22 1 C2    B DT 3 ? ? N3    B DT 3 ? ? C4    B DT 3 ? ? 131.36 127.20 4.16   0.60 N 
23 1 N3    B DT 3 ? ? C4    B DT 3 ? ? C5    B DT 3 ? ? 111.30 115.20 -3.90  0.60 N 
24 1 N1    B DT 3 ? ? C2    B DT 3 ? ? O2    B DT 3 ? ? 116.34 123.10 -6.76  0.80 N 
25 1 N3    B DT 3 ? ? C2    B DT 3 ? ? O2    B DT 3 ? ? 129.45 122.30 7.15   0.60 N 
26 1 N3    B DT 3 ? ? C4    B DT 3 ? ? O4    B DT 3 ? ? 125.24 119.90 5.34   0.60 N 
27 1 "O4'" B DC 5 ? ? "C1'" B DC 5 ? ? N1    B DC 5 ? ? 111.13 108.30 2.83   0.30 N 
28 1 "O4'" B DG 6 ? ? "C1'" B DG 6 ? ? N9    B DG 6 ? ? 102.30 108.00 -5.70  0.70 N 
# 
_struct_site_keywords.site_id   1 
_struct_site_keywords.text      bis-intercalation 
# 
loop_
_pdbx_struct_special_symmetry.id 
_pdbx_struct_special_symmetry.PDB_model_num 
_pdbx_struct_special_symmetry.auth_asym_id 
_pdbx_struct_special_symmetry.auth_comp_id 
_pdbx_struct_special_symmetry.auth_seq_id 
_pdbx_struct_special_symmetry.PDB_ins_code 
_pdbx_struct_special_symmetry.label_asym_id 
_pdbx_struct_special_symmetry.label_comp_id 
_pdbx_struct_special_symmetry.label_seq_id 
1 1 B SR  202 ? F SR  . 
2 1 A HOH 207 ? G HOH . 
3 1 B HOH 334 ? H HOH . 
4 1 B HOH 345 ? H HOH . 
5 1 B HOH 357 ? H HOH . 
# 
_pdbx_database_remark.id     600 
_pdbx_database_remark.text   
;HETEROGEN

A4C 301 AND A4C 302 REPRESENT TWO CRYSTALLOGRAPHICALLY DISTINCT 
COPIES OF THE LIGAND. EACH OF THESE TWO MOLECULES LIES ON A 
CRYSTALLOGRAPHIC AXIS OF TWO-FOLD ROTATIONAL SYMMETRY. HENCE, 
IN BOTH CASES, ONLY HALF OF THE LIGAND IS PRESENT IN THE 
COORDINATE FILE SUBMITTED, WHICH CORRESPONDS TO ONE ASYMMETRIC 
UNIT. THE OTHER HALF OF EACH LIGAND CAN BE GENERATED THROUGH 
SYMMETRY. LINKS ARE PROVIDED BETWEEN SYMMETRY RELATED CX3 ATOMS.
;
# 
loop_
_chem_comp_atom.comp_id 
_chem_comp_atom.atom_id 
_chem_comp_atom.type_symbol 
_chem_comp_atom.pdbx_aromatic_flag 
_chem_comp_atom.pdbx_stereo_config 
_chem_comp_atom.pdbx_ordinal 
A4C OD1    O  N N 1   
A4C CD1    C  N N 2   
A4C ND1    N  N N 3   
A4C CD2    C  N N 4   
A4C CD3    C  N N 5   
A4C ND2    N  N N 6   
A4C CD8    C  N N 7   
A4C CD7    C  N N 8   
A4C C4     C  Y N 9   
A4C C3     C  Y N 10  
A4C C2     C  Y N 11  
A4C C12    C  Y N 12  
A4C C11    C  Y N 13  
A4C C1     C  Y N 14  
A4C N10    N  Y N 15  
A4C C14    C  Y N 16  
A4C C5     C  Y N 17  
A4C C6     C  Y N 18  
A4C C7     C  Y N 19  
A4C C13    C  Y N 20  
A4C C8     C  Y N 21  
A4C C9     C  Y N 22  
A4C N9     N  N N 23  
A4C CX1    C  N N 24  
A4C CX2    C  N N 25  
A4C CX3    C  N N 26  
A4C OD2    O  N N 27  
A4C CD4    C  N N 28  
A4C ND3    N  N N 29  
A4C CD5    C  N N 30  
A4C CD6    C  N N 31  
A4C ND4    N  N N 32  
A4C CD0    C  N N 33  
A4C CD9    C  N N 34  
A4C C25    C  Y N 35  
A4C C26    C  Y N 36  
A4C C15    C  Y N 37  
A4C C27    C  Y N 38  
A4C C16    C  Y N 39  
A4C C17    C  Y N 40  
A4C N12    N  Y N 41  
A4C C18    C  Y N 42  
A4C C19    C  Y N 43  
A4C C20    C  Y N 44  
A4C C21    C  Y N 45  
A4C C22    C  Y N 46  
A4C C23    C  Y N 47  
A4C C24    C  Y N 48  
A4C N11    N  N N 49  
A4C CX4    C  N N 50  
A4C CX5    C  N N 51  
A4C CX6    C  N N 52  
A4C HND1   H  N N 53  
A4C HD21   H  N N 54  
A4C HD22   H  N N 55  
A4C HD31   H  N N 56  
A4C HD32   H  N N 57  
A4C HD81   H  N N 58  
A4C HD82   H  N N 59  
A4C HD83   H  N N 60  
A4C HD71   H  N N 61  
A4C HD72   H  N N 62  
A4C HD73   H  N N 63  
A4C H3     H  N N 64  
A4C H2     H  N N 65  
A4C H1     H  N N 66  
A4C H5     H  N N 67  
A4C H6     H  N N 68  
A4C H7     H  N N 69  
A4C H8     H  N N 70  
A4C HN9    H  N N 71  
A4C HX11   H  N N 72  
A4C HX12   H  N N 73  
A4C HX21   H  N N 74  
A4C HX22   H  N N 75  
A4C HX31   H  N N 76  
A4C HX32   H  N N 77  
A4C HND3   H  N N 78  
A4C HD51   H  N N 79  
A4C HD52   H  N N 80  
A4C HD61   H  N N 81  
A4C HD62   H  N N 82  
A4C HD01   H  N N 83  
A4C HD02   H  N N 84  
A4C HD03   H  N N 85  
A4C HD91   H  N N 86  
A4C HD92   H  N N 87  
A4C HD93   H  N N 88  
A4C H26    H  N N 89  
A4C H15    H  N N 90  
A4C H17    H  N N 91  
A4C H19    H  N N 92  
A4C H20    H  N N 93  
A4C H21    H  N N 94  
A4C H23    H  N N 95  
A4C HN11   H  N N 96  
A4C HX41   H  N N 97  
A4C HX42   H  N N 98  
A4C HX51   H  N N 99  
A4C HX52   H  N N 100 
A4C HX61   H  N N 101 
A4C HX62   H  N N 102 
DA  OP3    O  N N 103 
DA  P      P  N N 104 
DA  OP1    O  N N 105 
DA  OP2    O  N N 106 
DA  "O5'"  O  N N 107 
DA  "C5'"  C  N N 108 
DA  "C4'"  C  N R 109 
DA  "O4'"  O  N N 110 
DA  "C3'"  C  N S 111 
DA  "O3'"  O  N N 112 
DA  "C2'"  C  N N 113 
DA  "C1'"  C  N R 114 
DA  N9     N  Y N 115 
DA  C8     C  Y N 116 
DA  N7     N  Y N 117 
DA  C5     C  Y N 118 
DA  C6     C  Y N 119 
DA  N6     N  N N 120 
DA  N1     N  Y N 121 
DA  C2     C  Y N 122 
DA  N3     N  Y N 123 
DA  C4     C  Y N 124 
DA  HOP3   H  N N 125 
DA  HOP2   H  N N 126 
DA  "H5'"  H  N N 127 
DA  "H5''" H  N N 128 
DA  "H4'"  H  N N 129 
DA  "H3'"  H  N N 130 
DA  "HO3'" H  N N 131 
DA  "H2'"  H  N N 132 
DA  "H2''" H  N N 133 
DA  "H1'"  H  N N 134 
DA  H8     H  N N 135 
DA  H61    H  N N 136 
DA  H62    H  N N 137 
DA  H2     H  N N 138 
DC  OP3    O  N N 139 
DC  P      P  N N 140 
DC  OP1    O  N N 141 
DC  OP2    O  N N 142 
DC  "O5'"  O  N N 143 
DC  "C5'"  C  N N 144 
DC  "C4'"  C  N R 145 
DC  "O4'"  O  N N 146 
DC  "C3'"  C  N S 147 
DC  "O3'"  O  N N 148 
DC  "C2'"  C  N N 149 
DC  "C1'"  C  N R 150 
DC  N1     N  N N 151 
DC  C2     C  N N 152 
DC  O2     O  N N 153 
DC  N3     N  N N 154 
DC  C4     C  N N 155 
DC  N4     N  N N 156 
DC  C5     C  N N 157 
DC  C6     C  N N 158 
DC  HOP3   H  N N 159 
DC  HOP2   H  N N 160 
DC  "H5'"  H  N N 161 
DC  "H5''" H  N N 162 
DC  "H4'"  H  N N 163 
DC  "H3'"  H  N N 164 
DC  "HO3'" H  N N 165 
DC  "H2'"  H  N N 166 
DC  "H2''" H  N N 167 
DC  "H1'"  H  N N 168 
DC  H41    H  N N 169 
DC  H42    H  N N 170 
DC  H5     H  N N 171 
DC  H6     H  N N 172 
DG  OP3    O  N N 173 
DG  P      P  N N 174 
DG  OP1    O  N N 175 
DG  OP2    O  N N 176 
DG  "O5'"  O  N N 177 
DG  "C5'"  C  N N 178 
DG  "C4'"  C  N R 179 
DG  "O4'"  O  N N 180 
DG  "C3'"  C  N S 181 
DG  "O3'"  O  N N 182 
DG  "C2'"  C  N N 183 
DG  "C1'"  C  N R 184 
DG  N9     N  Y N 185 
DG  C8     C  Y N 186 
DG  N7     N  Y N 187 
DG  C5     C  Y N 188 
DG  C6     C  N N 189 
DG  O6     O  N N 190 
DG  N1     N  N N 191 
DG  C2     C  N N 192 
DG  N2     N  N N 193 
DG  N3     N  N N 194 
DG  C4     C  Y N 195 
DG  HOP3   H  N N 196 
DG  HOP2   H  N N 197 
DG  "H5'"  H  N N 198 
DG  "H5''" H  N N 199 
DG  "H4'"  H  N N 200 
DG  "H3'"  H  N N 201 
DG  "HO3'" H  N N 202 
DG  "H2'"  H  N N 203 
DG  "H2''" H  N N 204 
DG  "H1'"  H  N N 205 
DG  H8     H  N N 206 
DG  H1     H  N N 207 
DG  H21    H  N N 208 
DG  H22    H  N N 209 
DT  OP3    O  N N 210 
DT  P      P  N N 211 
DT  OP1    O  N N 212 
DT  OP2    O  N N 213 
DT  "O5'"  O  N N 214 
DT  "C5'"  C  N N 215 
DT  "C4'"  C  N R 216 
DT  "O4'"  O  N N 217 
DT  "C3'"  C  N S 218 
DT  "O3'"  O  N N 219 
DT  "C2'"  C  N N 220 
DT  "C1'"  C  N R 221 
DT  N1     N  N N 222 
DT  C2     C  N N 223 
DT  O2     O  N N 224 
DT  N3     N  N N 225 
DT  C4     C  N N 226 
DT  O4     O  N N 227 
DT  C5     C  N N 228 
DT  C7     C  N N 229 
DT  C6     C  N N 230 
DT  HOP3   H  N N 231 
DT  HOP2   H  N N 232 
DT  "H5'"  H  N N 233 
DT  "H5''" H  N N 234 
DT  "H4'"  H  N N 235 
DT  "H3'"  H  N N 236 
DT  "HO3'" H  N N 237 
DT  "H2'"  H  N N 238 
DT  "H2''" H  N N 239 
DT  "H1'"  H  N N 240 
DT  H3     H  N N 241 
DT  H71    H  N N 242 
DT  H72    H  N N 243 
DT  H73    H  N N 244 
DT  H6     H  N N 245 
HOH O      O  N N 246 
HOH H1     H  N N 247 
HOH H2     H  N N 248 
SR  SR     SR N N 249 
# 
loop_
_chem_comp_bond.comp_id 
_chem_comp_bond.atom_id_1 
_chem_comp_bond.atom_id_2 
_chem_comp_bond.value_order 
_chem_comp_bond.pdbx_aromatic_flag 
_chem_comp_bond.pdbx_stereo_config 
_chem_comp_bond.pdbx_ordinal 
A4C OD1   CD1    doub N N 1   
A4C CD1   ND1    sing N N 2   
A4C CD1   C4     sing N N 3   
A4C ND1   CD2    sing N N 4   
A4C ND1   HND1   sing N N 5   
A4C CD2   CD3    sing N N 6   
A4C CD2   HD21   sing N N 7   
A4C CD2   HD22   sing N N 8   
A4C CD3   ND2    sing N N 9   
A4C CD3   HD31   sing N N 10  
A4C CD3   HD32   sing N N 11  
A4C ND2   CD8    sing N N 12  
A4C ND2   CD7    sing N N 13  
A4C CD8   HD81   sing N N 14  
A4C CD8   HD82   sing N N 15  
A4C CD8   HD83   sing N N 16  
A4C CD7   HD71   sing N N 17  
A4C CD7   HD72   sing N N 18  
A4C CD7   HD73   sing N N 19  
A4C C4    C3     doub Y N 20  
A4C C4    C12    sing Y N 21  
A4C C3    C2     sing Y N 22  
A4C C3    H3     sing N N 23  
A4C C2    C1     doub Y N 24  
A4C C2    H2     sing N N 25  
A4C C12   C11    sing Y N 26  
A4C C12   N10    doub Y N 27  
A4C C11   C1     sing Y N 28  
A4C C11   C9     doub Y N 29  
A4C C1    H1     sing N N 30  
A4C N10   C14    sing Y N 31  
A4C C14   C5     doub Y N 32  
A4C C14   C13    sing Y N 33  
A4C C5    C6     sing Y N 34  
A4C C5    H5     sing N N 35  
A4C C6    C7     doub Y N 36  
A4C C6    H6     sing N N 37  
A4C C7    C8     sing Y N 38  
A4C C7    H7     sing N N 39  
A4C C13   C8     doub Y N 40  
A4C C13   C9     sing Y N 41  
A4C C8    H8     sing N N 42  
A4C C9    N9     sing N N 43  
A4C N9    CX1    sing N N 44  
A4C N9    HN9    sing N N 45  
A4C CX1   CX2    sing N N 46  
A4C CX1   HX11   sing N N 47  
A4C CX1   HX12   sing N N 48  
A4C CX2   CX3    sing N N 49  
A4C CX2   HX21   sing N N 50  
A4C CX2   HX22   sing N N 51  
A4C CX3   CX6    sing N N 52  
A4C CX3   HX31   sing N N 53  
A4C CX3   HX32   sing N N 54  
A4C OD2   CD4    doub N N 55  
A4C CD4   ND3    sing N N 56  
A4C CD4   C25    sing N N 57  
A4C ND3   CD5    sing N N 58  
A4C ND3   HND3   sing N N 59  
A4C CD5   CD6    sing N N 60  
A4C CD5   HD51   sing N N 61  
A4C CD5   HD52   sing N N 62  
A4C CD6   ND4    sing N N 63  
A4C CD6   HD61   sing N N 64  
A4C CD6   HD62   sing N N 65  
A4C ND4   CD0    sing N N 66  
A4C ND4   CD9    sing N N 67  
A4C CD0   HD01   sing N N 68  
A4C CD0   HD02   sing N N 69  
A4C CD0   HD03   sing N N 70  
A4C CD9   HD91   sing N N 71  
A4C CD9   HD92   sing N N 72  
A4C CD9   HD93   sing N N 73  
A4C C25   C26    sing Y N 74  
A4C C25   C27    doub Y N 75  
A4C C26   C15    doub Y N 76  
A4C C26   H26    sing N N 77  
A4C C15   C17    sing Y N 78  
A4C C15   H15    sing N N 79  
A4C C27   C16    sing Y N 80  
A4C C27   N12    sing Y N 81  
A4C C16   C17    doub Y N 82  
A4C C16   C24    sing Y N 83  
A4C C17   H17    sing N N 84  
A4C N12   C18    doub Y N 85  
A4C C18   C19    sing Y N 86  
A4C C18   C22    sing Y N 87  
A4C C19   C20    doub Y N 88  
A4C C19   H19    sing N N 89  
A4C C20   C21    sing Y N 90  
A4C C20   H20    sing N N 91  
A4C C21   C23    doub Y N 92  
A4C C21   H21    sing N N 93  
A4C C22   C23    sing Y N 94  
A4C C22   C24    doub Y N 95  
A4C C23   H23    sing N N 96  
A4C C24   N11    sing N N 97  
A4C N11   CX4    sing N N 98  
A4C N11   HN11   sing N N 99  
A4C CX4   CX5    sing N N 100 
A4C CX4   HX41   sing N N 101 
A4C CX4   HX42   sing N N 102 
A4C CX5   CX6    sing N N 103 
A4C CX5   HX51   sing N N 104 
A4C CX5   HX52   sing N N 105 
A4C CX6   HX61   sing N N 106 
A4C CX6   HX62   sing N N 107 
DA  OP3   P      sing N N 108 
DA  OP3   HOP3   sing N N 109 
DA  P     OP1    doub N N 110 
DA  P     OP2    sing N N 111 
DA  P     "O5'"  sing N N 112 
DA  OP2   HOP2   sing N N 113 
DA  "O5'" "C5'"  sing N N 114 
DA  "C5'" "C4'"  sing N N 115 
DA  "C5'" "H5'"  sing N N 116 
DA  "C5'" "H5''" sing N N 117 
DA  "C4'" "O4'"  sing N N 118 
DA  "C4'" "C3'"  sing N N 119 
DA  "C4'" "H4'"  sing N N 120 
DA  "O4'" "C1'"  sing N N 121 
DA  "C3'" "O3'"  sing N N 122 
DA  "C3'" "C2'"  sing N N 123 
DA  "C3'" "H3'"  sing N N 124 
DA  "O3'" "HO3'" sing N N 125 
DA  "C2'" "C1'"  sing N N 126 
DA  "C2'" "H2'"  sing N N 127 
DA  "C2'" "H2''" sing N N 128 
DA  "C1'" N9     sing N N 129 
DA  "C1'" "H1'"  sing N N 130 
DA  N9    C8     sing Y N 131 
DA  N9    C4     sing Y N 132 
DA  C8    N7     doub Y N 133 
DA  C8    H8     sing N N 134 
DA  N7    C5     sing Y N 135 
DA  C5    C6     sing Y N 136 
DA  C5    C4     doub Y N 137 
DA  C6    N6     sing N N 138 
DA  C6    N1     doub Y N 139 
DA  N6    H61    sing N N 140 
DA  N6    H62    sing N N 141 
DA  N1    C2     sing Y N 142 
DA  C2    N3     doub Y N 143 
DA  C2    H2     sing N N 144 
DA  N3    C4     sing Y N 145 
DC  OP3   P      sing N N 146 
DC  OP3   HOP3   sing N N 147 
DC  P     OP1    doub N N 148 
DC  P     OP2    sing N N 149 
DC  P     "O5'"  sing N N 150 
DC  OP2   HOP2   sing N N 151 
DC  "O5'" "C5'"  sing N N 152 
DC  "C5'" "C4'"  sing N N 153 
DC  "C5'" "H5'"  sing N N 154 
DC  "C5'" "H5''" sing N N 155 
DC  "C4'" "O4'"  sing N N 156 
DC  "C4'" "C3'"  sing N N 157 
DC  "C4'" "H4'"  sing N N 158 
DC  "O4'" "C1'"  sing N N 159 
DC  "C3'" "O3'"  sing N N 160 
DC  "C3'" "C2'"  sing N N 161 
DC  "C3'" "H3'"  sing N N 162 
DC  "O3'" "HO3'" sing N N 163 
DC  "C2'" "C1'"  sing N N 164 
DC  "C2'" "H2'"  sing N N 165 
DC  "C2'" "H2''" sing N N 166 
DC  "C1'" N1     sing N N 167 
DC  "C1'" "H1'"  sing N N 168 
DC  N1    C2     sing N N 169 
DC  N1    C6     sing N N 170 
DC  C2    O2     doub N N 171 
DC  C2    N3     sing N N 172 
DC  N3    C4     doub N N 173 
DC  C4    N4     sing N N 174 
DC  C4    C5     sing N N 175 
DC  N4    H41    sing N N 176 
DC  N4    H42    sing N N 177 
DC  C5    C6     doub N N 178 
DC  C5    H5     sing N N 179 
DC  C6    H6     sing N N 180 
DG  OP3   P      sing N N 181 
DG  OP3   HOP3   sing N N 182 
DG  P     OP1    doub N N 183 
DG  P     OP2    sing N N 184 
DG  P     "O5'"  sing N N 185 
DG  OP2   HOP2   sing N N 186 
DG  "O5'" "C5'"  sing N N 187 
DG  "C5'" "C4'"  sing N N 188 
DG  "C5'" "H5'"  sing N N 189 
DG  "C5'" "H5''" sing N N 190 
DG  "C4'" "O4'"  sing N N 191 
DG  "C4'" "C3'"  sing N N 192 
DG  "C4'" "H4'"  sing N N 193 
DG  "O4'" "C1'"  sing N N 194 
DG  "C3'" "O3'"  sing N N 195 
DG  "C3'" "C2'"  sing N N 196 
DG  "C3'" "H3'"  sing N N 197 
DG  "O3'" "HO3'" sing N N 198 
DG  "C2'" "C1'"  sing N N 199 
DG  "C2'" "H2'"  sing N N 200 
DG  "C2'" "H2''" sing N N 201 
DG  "C1'" N9     sing N N 202 
DG  "C1'" "H1'"  sing N N 203 
DG  N9    C8     sing Y N 204 
DG  N9    C4     sing Y N 205 
DG  C8    N7     doub Y N 206 
DG  C8    H8     sing N N 207 
DG  N7    C5     sing Y N 208 
DG  C5    C6     sing N N 209 
DG  C5    C4     doub Y N 210 
DG  C6    O6     doub N N 211 
DG  C6    N1     sing N N 212 
DG  N1    C2     sing N N 213 
DG  N1    H1     sing N N 214 
DG  C2    N2     sing N N 215 
DG  C2    N3     doub N N 216 
DG  N2    H21    sing N N 217 
DG  N2    H22    sing N N 218 
DG  N3    C4     sing N N 219 
DT  OP3   P      sing N N 220 
DT  OP3   HOP3   sing N N 221 
DT  P     OP1    doub N N 222 
DT  P     OP2    sing N N 223 
DT  P     "O5'"  sing N N 224 
DT  OP2   HOP2   sing N N 225 
DT  "O5'" "C5'"  sing N N 226 
DT  "C5'" "C4'"  sing N N 227 
DT  "C5'" "H5'"  sing N N 228 
DT  "C5'" "H5''" sing N N 229 
DT  "C4'" "O4'"  sing N N 230 
DT  "C4'" "C3'"  sing N N 231 
DT  "C4'" "H4'"  sing N N 232 
DT  "O4'" "C1'"  sing N N 233 
DT  "C3'" "O3'"  sing N N 234 
DT  "C3'" "C2'"  sing N N 235 
DT  "C3'" "H3'"  sing N N 236 
DT  "O3'" "HO3'" sing N N 237 
DT  "C2'" "C1'"  sing N N 238 
DT  "C2'" "H2'"  sing N N 239 
DT  "C2'" "H2''" sing N N 240 
DT  "C1'" N1     sing N N 241 
DT  "C1'" "H1'"  sing N N 242 
DT  N1    C2     sing N N 243 
DT  N1    C6     sing N N 244 
DT  C2    O2     doub N N 245 
DT  C2    N3     sing N N 246 
DT  N3    C4     sing N N 247 
DT  N3    H3     sing N N 248 
DT  C4    O4     doub N N 249 
DT  C4    C5     sing N N 250 
DT  C5    C7     sing N N 251 
DT  C5    C6     doub N N 252 
DT  C7    H71    sing N N 253 
DT  C7    H72    sing N N 254 
DT  C7    H73    sing N N 255 
DT  C6    H6     sing N N 256 
HOH O     H1     sing N N 257 
HOH O     H2     sing N N 258 
# 
_ndb_struct_conf_na.entry_id   2GB9 
_ndb_struct_conf_na.feature    'b-form double helix' 
# 
loop_
_ndb_struct_na_base_pair.model_number 
_ndb_struct_na_base_pair.i_label_asym_id 
_ndb_struct_na_base_pair.i_label_comp_id 
_ndb_struct_na_base_pair.i_label_seq_id 
_ndb_struct_na_base_pair.i_symmetry 
_ndb_struct_na_base_pair.j_label_asym_id 
_ndb_struct_na_base_pair.j_label_comp_id 
_ndb_struct_na_base_pair.j_label_seq_id 
_ndb_struct_na_base_pair.j_symmetry 
_ndb_struct_na_base_pair.shear 
_ndb_struct_na_base_pair.stretch 
_ndb_struct_na_base_pair.stagger 
_ndb_struct_na_base_pair.buckle 
_ndb_struct_na_base_pair.propeller 
_ndb_struct_na_base_pair.opening 
_ndb_struct_na_base_pair.pair_number 
_ndb_struct_na_base_pair.pair_name 
_ndb_struct_na_base_pair.i_auth_asym_id 
_ndb_struct_na_base_pair.i_auth_seq_id 
_ndb_struct_na_base_pair.i_PDB_ins_code 
_ndb_struct_na_base_pair.j_auth_asym_id 
_ndb_struct_na_base_pair.j_auth_seq_id 
_ndb_struct_na_base_pair.j_PDB_ins_code 
_ndb_struct_na_base_pair.hbond_type_28 
_ndb_struct_na_base_pair.hbond_type_12 
1 A DC 1 1_555 B DG 6 1_555 0.377  -0.134 0.140  1.132  -8.296  -0.572 1 A_DC1:DG6_B A 1 ? B 6 ? 19 1 
1 A DG 2 1_555 B DC 5 1_555 -0.305 -0.218 0.102  1.953  -11.268 0.248  2 A_DG2:DC5_B A 2 ? B 5 ? 19 1 
1 A DT 3 1_555 B DA 4 1_555 0.063  -0.133 -0.016 5.843  -9.357  3.210  3 A_DT3:DA4_B A 3 ? B 4 ? 20 1 
1 A DA 4 1_555 B DT 3 1_555 0.036  -0.143 0.122  -0.330 -8.202  2.199  4 A_DA4:DT3_B A 4 ? B 3 ? 20 1 
1 A DC 5 1_555 B DG 2 1_555 0.193  -0.129 -0.197 8.041  -1.115  -0.823 5 A_DC5:DG2_B A 5 ? B 2 ? 19 1 
1 A DG 6 1_555 B DC 1 1_555 -0.249 -0.065 0.190  6.143  -9.093  1.298  6 A_DG6:DC1_B A 6 ? B 1 ? 19 1 
# 
loop_
_ndb_struct_na_base_pair_step.model_number 
_ndb_struct_na_base_pair_step.i_label_asym_id_1 
_ndb_struct_na_base_pair_step.i_label_comp_id_1 
_ndb_struct_na_base_pair_step.i_label_seq_id_1 
_ndb_struct_na_base_pair_step.i_symmetry_1 
_ndb_struct_na_base_pair_step.j_label_asym_id_1 
_ndb_struct_na_base_pair_step.j_label_comp_id_1 
_ndb_struct_na_base_pair_step.j_label_seq_id_1 
_ndb_struct_na_base_pair_step.j_symmetry_1 
_ndb_struct_na_base_pair_step.i_label_asym_id_2 
_ndb_struct_na_base_pair_step.i_label_comp_id_2 
_ndb_struct_na_base_pair_step.i_label_seq_id_2 
_ndb_struct_na_base_pair_step.i_symmetry_2 
_ndb_struct_na_base_pair_step.j_label_asym_id_2 
_ndb_struct_na_base_pair_step.j_label_comp_id_2 
_ndb_struct_na_base_pair_step.j_label_seq_id_2 
_ndb_struct_na_base_pair_step.j_symmetry_2 
_ndb_struct_na_base_pair_step.shift 
_ndb_struct_na_base_pair_step.slide 
_ndb_struct_na_base_pair_step.rise 
_ndb_struct_na_base_pair_step.tilt 
_ndb_struct_na_base_pair_step.roll 
_ndb_struct_na_base_pair_step.twist 
_ndb_struct_na_base_pair_step.x_displacement 
_ndb_struct_na_base_pair_step.y_displacement 
_ndb_struct_na_base_pair_step.helical_rise 
_ndb_struct_na_base_pair_step.inclination 
_ndb_struct_na_base_pair_step.tip 
_ndb_struct_na_base_pair_step.helical_twist 
_ndb_struct_na_base_pair_step.step_number 
_ndb_struct_na_base_pair_step.step_name 
_ndb_struct_na_base_pair_step.i_auth_asym_id_1 
_ndb_struct_na_base_pair_step.i_auth_seq_id_1 
_ndb_struct_na_base_pair_step.i_PDB_ins_code_1 
_ndb_struct_na_base_pair_step.j_auth_asym_id_1 
_ndb_struct_na_base_pair_step.j_auth_seq_id_1 
_ndb_struct_na_base_pair_step.j_PDB_ins_code_1 
_ndb_struct_na_base_pair_step.i_auth_asym_id_2 
_ndb_struct_na_base_pair_step.i_auth_seq_id_2 
_ndb_struct_na_base_pair_step.i_PDB_ins_code_2 
_ndb_struct_na_base_pair_step.j_auth_asym_id_2 
_ndb_struct_na_base_pair_step.j_auth_seq_id_2 
_ndb_struct_na_base_pair_step.j_PDB_ins_code_2 
1 A DC 1 1_555 B DG 6 1_555 A DG 2 1_555 B DC 5 1_555 -0.166 0.313  6.738 5.244 10.987 18.818 -7.716 4.494  5.789 29.887 -14.266 
22.382 1 AA_DC1DG2:DC5DG6_BB A 1 ? B 6 ? A 2 ? B 5 ? 
1 A DG 2 1_555 B DC 5 1_555 A DT 3 1_555 B DA 4 1_555 0.414  -0.356 3.163 0.691 2.027  31.856 -1.002 -0.632 3.143 3.688  -1.256  
31.926 2 AA_DG2DT3:DA4DC5_BB A 2 ? B 5 ? A 3 ? B 4 ? 
1 A DT 3 1_555 B DA 4 1_555 A DA 4 1_555 B DT 3 1_555 0.156  -0.187 3.386 0.782 4.975  36.630 -0.987 -0.137 3.335 7.869  -1.236  
36.963 3 AA_DT3DA4:DT3DA4_BB A 3 ? B 4 ? A 4 ? B 3 ? 
1 A DA 4 1_555 B DT 3 1_555 A DC 5 1_555 B DG 2 1_555 0.279  -0.240 3.073 3.868 4.421  24.332 -1.788 0.436  2.991 10.297 -9.010  
25.020 4 AA_DA4DC5:DG2DT3_BB A 4 ? B 3 ? A 5 ? B 2 ? 
1 A DC 5 1_555 B DG 2 1_555 A DG 6 1_555 B DC 1 1_555 -0.194 0.747  6.820 2.245 4.898  21.938 -1.862 2.223  6.770 12.626 -5.789  
22.582 5 AA_DC5DG6:DC1DG2_BB A 5 ? B 2 ? A 6 ? B 1 ? 
# 
_atom_sites.entry_id                    2GB9 
_atom_sites.fract_transf_matrix[1][1]   -0.01183503 
_atom_sites.fract_transf_matrix[1][2]   -0.01246250 
_atom_sites.fract_transf_matrix[1][3]   -0.02065987 
_atom_sites.fract_transf_matrix[2][1]   0.02027942 
_atom_sites.fract_transf_matrix[2][2]   0.00732965 
_atom_sites.fract_transf_matrix[2][3]   -0.01603850 
_atom_sites.fract_transf_matrix[3][1]   0.00909585 
_atom_sites.fract_transf_matrix[3][2]   -0.01576226 
_atom_sites.fract_transf_matrix[3][3]   0.00429758 
_atom_sites.fract_transf_vector[1]      0.694063 
_atom_sites.fract_transf_vector[2]      0.250948 
_atom_sites.fract_transf_vector[3]      0.121755 
# 
loop_
_atom_type.symbol 
C  
N  
O  
P  
SR 
# 
loop_
_atom_site.group_PDB 
_atom_site.id 
_atom_site.type_symbol 
_atom_site.label_atom_id 
_atom_site.label_alt_id 
_atom_site.label_comp_id 
_atom_site.label_asym_id 
_atom_site.label_entity_id 
_atom_site.label_seq_id 
_atom_site.pdbx_PDB_ins_code 
_atom_site.Cartn_x 
_atom_site.Cartn_y 
_atom_site.Cartn_z 
_atom_site.occupancy 
_atom_site.B_iso_or_equiv 
_atom_site.pdbx_formal_charge 
_atom_site.auth_seq_id 
_atom_site.auth_comp_id 
_atom_site.auth_asym_id 
_atom_site.auth_atom_id 
_atom_site.pdbx_PDB_model_num 
ATOM   1   O  "O5'" . DC  A 1 1 ? 3.090   -10.274 -7.318  1.00 15.51 ? 1   DC  A "O5'" 1 
ATOM   2   C  "C5'" . DC  A 1 1 ? 4.347   -10.804 -7.700  1.00 12.49 ? 1   DC  A "C5'" 1 
ATOM   3   C  "C4'" . DC  A 1 1 ? 5.247   -9.749  -8.267  1.00 13.30 ? 1   DC  A "C4'" 1 
ATOM   4   O  "O4'" . DC  A 1 1 ? 4.731   -9.023  -9.372  1.00 14.39 ? 1   DC  A "O4'" 1 
ATOM   5   C  "C3'" . DC  A 1 1 ? 5.661   -8.649  -7.225  1.00 14.32 ? 1   DC  A "C3'" 1 
ATOM   6   O  "O3'" . DC  A 1 1 ? 6.866   -9.055  -6.574  1.00 11.12 ? 1   DC  A "O3'" 1 
ATOM   7   C  "C2'" . DC  A 1 1 ? 6.083   -7.475  -8.116  1.00 12.65 ? 1   DC  A "C2'" 1 
ATOM   8   C  "C1'" . DC  A 1 1 ? 5.178   -7.638  -9.326  1.00 11.03 ? 1   DC  A "C1'" 1 
ATOM   9   N  N1    . DC  A 1 1 ? 3.900   -6.919  -9.445  1.00 16.49 ? 1   DC  A N1    1 
ATOM   10  C  C2    . DC  A 1 1 ? 3.959   -5.567  -9.787  1.00 13.46 ? 1   DC  A C2    1 
ATOM   11  O  O2    . DC  A 1 1 ? 5.046   -5.033  -9.968  1.00 10.28 ? 1   DC  A O2    1 
ATOM   12  N  N3    . DC  A 1 1 ? 2.799   -4.931  -9.892  1.00 12.87 ? 1   DC  A N3    1 
ATOM   13  C  C4    . DC  A 1 1 ? 1.633   -5.539  -9.691  1.00 13.43 ? 1   DC  A C4    1 
ATOM   14  N  N4    . DC  A 1 1 ? 0.518   -4.772  -9.831  1.00 16.93 ? 1   DC  A N4    1 
ATOM   15  C  C5    . DC  A 1 1 ? 1.557   -6.891  -9.349  1.00 12.24 ? 1   DC  A C5    1 
ATOM   16  C  C6    . DC  A 1 1 ? 2.728   -7.561  -9.239  1.00 13.77 ? 1   DC  A C6    1 
ATOM   17  P  P     . DG  A 1 2 ? 6.998   -9.346  -4.982  1.00 14.88 ? 2   DG  A P     1 
ATOM   18  O  OP1   . DG  A 1 2 ? 8.349   -9.938  -4.751  1.00 14.30 ? 2   DG  A OP1   1 
ATOM   19  O  OP2   . DG  A 1 2 ? 5.738   -9.998  -4.492  1.00 14.80 ? 2   DG  A OP2   1 
ATOM   20  O  "O5'" . DG  A 1 2 ? 6.889   -7.882  -4.399  1.00 13.93 ? 2   DG  A "O5'" 1 
ATOM   21  C  "C5'" . DG  A 1 2 ? 6.991   -7.787  -2.959  1.00 17.15 ? 2   DG  A "C5'" 1 
ATOM   22  C  "C4'" . DG  A 1 2 ? 7.682   -6.430  -2.704  1.00 20.78 ? 2   DG  A "C4'" 1 
ATOM   23  O  "O4'" . DG  A 1 2 ? 6.829   -5.338  -3.146  1.00 18.33 ? 2   DG  A "O4'" 1 
ATOM   24  C  "C3'" . DG  A 1 2 ? 7.926   -6.183  -1.186  1.00 16.73 ? 2   DG  A "C3'" 1 
ATOM   25  O  "O3'" . DG  A 1 2 ? 9.070   -5.340  -1.009  1.00 16.09 ? 2   DG  A "O3'" 1 
ATOM   26  C  "C2'" . DG  A 1 2 ? 6.711   -5.423  -0.745  1.00 15.26 ? 2   DG  A "C2'" 1 
ATOM   27  C  "C1'" . DG  A 1 2 ? 6.318   -4.627  -1.989  1.00 18.40 ? 2   DG  A "C1'" 1 
ATOM   28  N  N9    . DG  A 1 2 ? 4.798   -4.456  -2.297  1.00 13.54 ? 2   DG  A N9    1 
ATOM   29  C  C8    . DG  A 1 2 ? 3.780   -5.361  -2.164  1.00 13.45 ? 2   DG  A C8    1 
ATOM   30  N  N7    . DG  A 1 2 ? 2.620   -4.919  -2.503  1.00 14.01 ? 2   DG  A N7    1 
ATOM   31  C  C5    . DG  A 1 2 ? 2.871   -3.608  -2.894  1.00 13.46 ? 2   DG  A C5    1 
ATOM   32  C  C6    . DG  A 1 2 ? 1.979   -2.623  -3.366  1.00 14.83 ? 2   DG  A C6    1 
ATOM   33  O  O6    . DG  A 1 2 ? 0.769   -2.727  -3.533  1.00 16.11 ? 2   DG  A O6    1 
ATOM   34  N  N1    . DG  A 1 2 ? 2.661   -1.433  -3.647  1.00 18.30 ? 2   DG  A N1    1 
ATOM   35  C  C2    . DG  A 1 2 ? 4.009   -1.229  -3.491  1.00 15.45 ? 2   DG  A C2    1 
ATOM   36  N  N2    . DG  A 1 2 ? 4.477   -0.017  -3.815  1.00 14.23 ? 2   DG  A N2    1 
ATOM   37  N  N3    . DG  A 1 2 ? 4.877   -2.152  -3.043  1.00 14.23 ? 2   DG  A N3    1 
ATOM   38  C  C4    . DG  A 1 2 ? 4.203   -3.294  -2.778  1.00 10.52 ? 2   DG  A C4    1 
ATOM   39  P  P     . DT  A 1 3 ? 9.693   -4.918  0.446   1.00 18.06 ? 3   DT  A P     1 
ATOM   40  O  OP1   . DT  A 1 3 ? 11.146  -4.616  0.304   1.00 20.30 ? 3   DT  A OP1   1 
ATOM   41  O  OP2   . DT  A 1 3 ? 9.168   -5.883  1.475   1.00 20.95 ? 3   DT  A OP2   1 
ATOM   42  O  "O5'" . DT  A 1 3 ? 8.906   -3.564  0.720   1.00 18.43 ? 3   DT  A "O5'" 1 
ATOM   43  C  "C5'" . DT  A 1 3 ? 9.170   -2.441  -0.102  1.00 20.48 ? 3   DT  A "C5'" 1 
ATOM   44  C  "C4'" . DT  A 1 3 ? 8.136   -1.375  0.150   1.00 16.91 ? 3   DT  A "C4'" 1 
ATOM   45  O  "O4'" . DT  A 1 3 ? 6.812   -1.690  -0.243  1.00 15.24 ? 3   DT  A "O4'" 1 
ATOM   46  C  "C3'" . DT  A 1 3 ? 8.064   -0.928  1.634   1.00 16.21 ? 3   DT  A "C3'" 1 
ATOM   47  O  "O3'" . DT  A 1 3 ? 8.696   0.334   1.805   1.00 19.13 ? 3   DT  A "O3'" 1 
ATOM   48  C  "C2'" . DT  A 1 3 ? 6.615   -0.758  1.962   1.00 16.24 ? 3   DT  A "C2'" 1 
ATOM   49  C  "C1'" . DT  A 1 3 ? 5.898   -0.880  0.632   1.00 17.41 ? 3   DT  A "C1'" 1 
ATOM   50  N  N1    . DT  A 1 3 ? 4.581   -1.510  0.472   1.00 15.53 ? 3   DT  A N1    1 
ATOM   51  C  C2    . DT  A 1 3 ? 3.596   -0.740  -0.091  1.00 11.96 ? 3   DT  A C2    1 
ATOM   52  O  O2    . DT  A 1 3 ? 3.822   0.418   -0.443  1.00 13.65 ? 3   DT  A O2    1 
ATOM   53  N  N3    . DT  A 1 3 ? 2.416   -1.411  -0.195  1.00 17.33 ? 3   DT  A N3    1 
ATOM   54  C  C4    . DT  A 1 3 ? 2.159   -2.716  0.198   1.00 15.55 ? 3   DT  A C4    1 
ATOM   55  O  O4    . DT  A 1 3 ? 1.026   -3.189  0.038   1.00 15.75 ? 3   DT  A O4    1 
ATOM   56  C  C5    . DT  A 1 3 ? 3.240   -3.448  0.779   1.00 11.19 ? 3   DT  A C5    1 
ATOM   57  C  C7    . DT  A 1 3 ? 3.146   -4.932  1.145   1.00 12.30 ? 3   DT  A C7    1 
ATOM   58  C  C6    . DT  A 1 3 ? 4.414   -2.812  0.898   1.00 16.25 ? 3   DT  A C6    1 
ATOM   59  P  P     . DA  A 1 4 ? 8.801   1.109   3.229   1.00 18.84 ? 4   DA  A P     1 
ATOM   60  O  OP1   . DA  A 1 4 ? 9.960   2.046   3.229   1.00 23.85 ? 4   DA  A OP1   1 
ATOM   61  O  OP2   . DA  A 1 4 ? 8.515   0.174   4.369   1.00 20.26 ? 4   DA  A OP2   1 
ATOM   62  O  "O5'" . DA  A 1 4 ? 7.516   2.036   3.083   1.00 15.41 ? 4   DA  A "O5'" 1 
ATOM   63  C  "C5'" . DA  A 1 4 ? 7.438   2.894   1.947   1.00 14.34 ? 4   DA  A "C5'" 1 
ATOM   64  C  "C4'" . DA  A 1 4 ? 6.089   3.619   2.044   1.00 21.85 ? 4   DA  A "C4'" 1 
ATOM   65  O  "O4'" . DA  A 1 4 ? 4.971   2.743   1.882   1.00 23.72 ? 4   DA  A "O4'" 1 
ATOM   66  C  "C3'" . DA  A 1 4 ? 5.916   4.335   3.389   1.00 18.82 ? 4   DA  A "C3'" 1 
ATOM   67  O  "O3'" . DA  A 1 4 ? 5.493   5.676   3.226   1.00 26.16 ? 4   DA  A "O3'" 1 
ATOM   68  C  "C2'" . DA  A 1 4 ? 4.830   3.591   4.108   1.00 13.85 ? 4   DA  A "C2'" 1 
ATOM   69  C  "C1'" . DA  A 1 4 ? 3.967   3.076   2.935   1.00 18.09 ? 4   DA  A "C1'" 1 
ATOM   70  N  N9    . DA  A 1 4 ? 3.268   1.827   3.005   1.00 12.11 ? 4   DA  A N9    1 
ATOM   71  C  C8    . DA  A 1 4 ? 3.757   0.655   3.450   1.00 15.58 ? 4   DA  A C8    1 
ATOM   72  N  N7    . DA  A 1 4 ? 2.874   -0.335  3.400   1.00 13.86 ? 4   DA  A N7    1 
ATOM   73  C  C5    . DA  A 1 4 ? 1.748   0.245   2.888   1.00 7.96  ? 4   DA  A C5    1 
ATOM   74  C  C6    . DA  A 1 4 ? 0.451   -0.261  2.586   1.00 11.78 ? 4   DA  A C6    1 
ATOM   75  N  N6    . DA  A 1 4 ? 0.102   -1.526  2.776   1.00 16.88 ? 4   DA  A N6    1 
ATOM   76  N  N1    . DA  A 1 4 ? -0.448  0.616   2.079   1.00 15.31 ? 4   DA  A N1    1 
ATOM   77  C  C2    . DA  A 1 4 ? -0.085  1.892   1.892   1.00 11.80 ? 4   DA  A C2    1 
ATOM   78  N  N3    . DA  A 1 4 ? 1.104   2.476   2.141   1.00 13.82 ? 4   DA  A N3    1 
ATOM   79  C  C4    . DA  A 1 4 ? 1.961   1.572   2.638   1.00 11.39 ? 4   DA  A C4    1 
ATOM   80  P  P     . DC  A 1 5 ? 5.695   6.775   4.402   1.00 22.76 ? 5   DC  A P     1 
ATOM   81  O  OP1   . DC  A 1 5 ? 5.614   8.124   3.823   1.00 27.44 ? 5   DC  A OP1   1 
ATOM   82  O  OP2   . DC  A 1 5 ? 6.569   6.277   5.439   1.00 21.66 ? 5   DC  A OP2   1 
ATOM   83  O  "O5'" . DC  A 1 5 ? 4.221   6.539   5.048   1.00 20.11 ? 5   DC  A "O5'" 1 
ATOM   84  C  "C5'" . DC  A 1 5 ? 3.129   7.268   4.492   1.00 14.00 ? 5   DC  A "C5'" 1 
ATOM   85  C  "C4'" . DC  A 1 5 ? 1.878   6.791   5.287   1.00 18.39 ? 5   DC  A "C4'" 1 
ATOM   86  O  "O4'" . DC  A 1 5 ? 1.576   5.422   4.928   1.00 17.67 ? 5   DC  A "O4'" 1 
ATOM   87  C  "C3'" . DC  A 1 5 ? 2.161   6.782   6.803   1.00 21.73 ? 5   DC  A "C3'" 1 
ATOM   88  O  "O3'" . DC  A 1 5 ? 1.344   7.658   7.529   1.00 28.72 ? 5   DC  A "O3'" 1 
ATOM   89  C  "C2'" . DC  A 1 5 ? 1.980   5.393   7.285   1.00 29.82 ? 5   DC  A "C2'" 1 
ATOM   90  C  "C1'" . DC  A 1 5 ? 1.307   4.671   6.113   1.00 27.43 ? 5   DC  A "C1'" 1 
ATOM   91  N  N1    . DC  A 1 5 ? 1.023   3.261   6.030   1.00 17.55 ? 5   DC  A N1    1 
ATOM   92  C  C2    . DC  A 1 5 ? -0.153  2.721   5.535   1.00 20.50 ? 5   DC  A C2    1 
ATOM   93  O  O2    . DC  A 1 5 ? -1.037  3.485   5.125   1.00 16.85 ? 5   DC  A O2    1 
ATOM   94  N  N3    . DC  A 1 5 ? -0.234  1.360   5.543   1.00 19.25 ? 5   DC  A N3    1 
ATOM   95  C  C4    . DC  A 1 5 ? 0.747   0.600   5.994   1.00 16.84 ? 5   DC  A C4    1 
ATOM   96  N  N4    . DC  A 1 5 ? 0.580   -0.757  5.962   1.00 17.76 ? 5   DC  A N4    1 
ATOM   97  C  C5    . DC  A 1 5 ? 1.957   1.151   6.503   1.00 13.64 ? 5   DC  A C5    1 
ATOM   98  C  C6    . DC  A 1 5 ? 2.027   2.491   6.493   1.00 13.80 ? 5   DC  A C6    1 
ATOM   99  P  P     . DG  A 1 6 ? 1.800   8.378   8.935   1.00 34.27 ? 6   DG  A P     1 
ATOM   100 O  OP1   . DG  A 1 6 ? 2.238   9.781   8.603   1.00 51.76 ? 6   DG  A OP1   1 
ATOM   101 O  OP2   . DG  A 1 6 ? 2.698   7.420   9.656   1.00 35.20 ? 6   DG  A OP2   1 
ATOM   102 O  "O5'" . DG  A 1 6 ? 0.382   8.430   9.632   1.00 40.83 ? 6   DG  A "O5'" 1 
ATOM   103 C  "C5'" . DG  A 1 6 ? -0.382  7.310   10.019  1.00 26.93 ? 6   DG  A "C5'" 1 
ATOM   104 C  "C4'" . DG  A 1 6 ? -1.725  7.788   10.560  1.00 30.22 ? 6   DG  A "C4'" 1 
ATOM   105 O  "O4'" . DG  A 1 6 ? -2.692  6.747   10.707  1.00 30.43 ? 6   DG  A "O4'" 1 
ATOM   106 C  "C3'" . DG  A 1 6 ? -1.640  8.533   11.889  1.00 24.85 ? 6   DG  A "C3'" 1 
ATOM   107 O  "O3'" . DG  A 1 6 ? -2.139  9.859   11.822  1.00 60.35 ? 6   DG  A "O3'" 1 
ATOM   108 C  "C2'" . DG  A 1 6 ? -2.434  7.774   12.882  1.00 29.74 ? 6   DG  A "C2'" 1 
ATOM   109 C  "C1'" . DG  A 1 6 ? -3.053  6.621   12.135  1.00 28.35 ? 6   DG  A "C1'" 1 
ATOM   110 N  N9    . DG  A 1 6 ? -2.524  5.153   12.320  1.00 17.68 ? 6   DG  A N9    1 
ATOM   111 C  C8    . DG  A 1 6 ? -1.326  4.743   12.830  1.00 18.14 ? 6   DG  A C8    1 
ATOM   112 N  N7    . DG  A 1 6 ? -1.212  3.447   12.841  1.00 17.64 ? 6   DG  A N7    1 
ATOM   113 C  C5    . DG  A 1 6 ? -2.390  2.948   12.311  1.00 15.44 ? 6   DG  A C5    1 
ATOM   114 C  C6    . DG  A 1 6 ? -2.818  1.626   12.083  1.00 19.89 ? 6   DG  A C6    1 
ATOM   115 O  O6    . DG  A 1 6 ? -2.284  0.517   12.283  1.00 16.39 ? 6   DG  A O6    1 
ATOM   116 N  N1    . DG  A 1 6 ? -4.131  1.595   11.509  1.00 17.42 ? 6   DG  A N1    1 
ATOM   117 C  C2    . DG  A 1 6 ? -4.826  2.719   11.241  1.00 14.97 ? 6   DG  A C2    1 
ATOM   118 N  N2    . DG  A 1 6 ? -6.049  2.550   10.702  1.00 15.32 ? 6   DG  A N2    1 
ATOM   119 N  N3    . DG  A 1 6 ? -4.430  3.965   11.452  1.00 17.37 ? 6   DG  A N3    1 
ATOM   120 C  C4    . DG  A 1 6 ? -3.203  3.999   11.989  1.00 20.16 ? 6   DG  A C4    1 
ATOM   121 O  "O5'" . DC  B 1 1 ? -8.756  -6.154  10.474  1.00 42.60 ? 1   DC  B "O5'" 1 
ATOM   122 C  "C5'" . DC  B 1 1 ? -10.069 -5.664  10.304  1.00 22.86 ? 1   DC  B "C5'" 1 
ATOM   123 C  "C4'" . DC  B 1 1 ? -10.053 -4.171  10.107  1.00 12.69 ? 1   DC  B "C4'" 1 
ATOM   124 O  "O4'" . DC  B 1 1 ? -9.147  -3.482  11.004  1.00 15.20 ? 1   DC  B "O4'" 1 
ATOM   125 C  "C3'" . DC  B 1 1 ? -9.515  -3.762  8.671   1.00 12.59 ? 1   DC  B "C3'" 1 
ATOM   126 O  "O3'" . DC  B 1 1 ? -10.634 -3.702  7.779   1.00 18.13 ? 1   DC  B "O3'" 1 
ATOM   127 C  "C2'" . DC  B 1 1 ? -9.202  -2.254  8.931   1.00 9.22  ? 1   DC  B "C2'" 1 
ATOM   128 C  "C1'" . DC  B 1 1 ? -8.588  -2.313  10.267  1.00 14.54 ? 1   DC  B "C1'" 1 
ATOM   129 N  N1    . DC  B 1 1 ? -7.160  -2.326  10.584  1.00 12.97 ? 1   DC  B N1    1 
ATOM   130 C  C2    . DC  B 1 1 ? -6.577  -1.086  10.752  1.00 13.78 ? 1   DC  B C2    1 
ATOM   131 O  O2    . DC  B 1 1 ? -7.273  -0.074  10.636  1.00 16.06 ? 1   DC  B O2    1 
ATOM   132 N  N3    . DC  B 1 1 ? -5.253  -1.059  11.053  1.00 13.34 ? 1   DC  B N3    1 
ATOM   133 C  C4    . DC  B 1 1 ? -4.598  -2.216  11.159  1.00 14.45 ? 1   DC  B C4    1 
ATOM   134 N  N4    . DC  B 1 1 ? -3.286  -2.131  11.452  1.00 14.96 ? 1   DC  B N4    1 
ATOM   135 C  C5    . DC  B 1 1 ? -5.193  -3.497  10.981  1.00 16.04 ? 1   DC  B C5    1 
ATOM   136 C  C6    . DC  B 1 1 ? -6.520  -3.505  10.686  1.00 19.64 ? 1   DC  B C6    1 
ATOM   137 P  P     . DG  B 1 2 ? -10.297 -4.210  6.274   1.00 20.03 ? 2   DG  B P     1 
ATOM   138 O  OP1   . DG  B 1 2 ? -11.627 -4.485  5.679   1.00 26.23 ? 2   DG  B OP1   1 
ATOM   139 O  OP2   . DG  B 1 2 ? -9.156  -5.161  6.274   1.00 25.33 ? 2   DG  B OP2   1 
ATOM   140 O  "O5'" . DG  B 1 2 ? -9.759  -2.843  5.694   1.00 17.88 ? 2   DG  B "O5'" 1 
ATOM   141 C  "C5'" . DG  B 1 2 ? -10.391 -1.556  5.767   1.00 17.76 ? 2   DG  B "C5'" 1 
ATOM   142 C  "C4'" . DG  B 1 2 ? -9.762  -0.669  4.684   1.00 15.37 ? 2   DG  B "C4'" 1 
ATOM   143 O  "O4'" . DG  B 1 2 ? -8.328  -0.618  4.790   1.00 16.37 ? 2   DG  B "O4'" 1 
ATOM   144 C  "C3'" . DG  B 1 2 ? -10.061 -1.227  3.259   1.00 17.07 ? 2   DG  B "C3'" 1 
ATOM   145 O  "O3'" . DG  B 1 2 ? -10.602 -0.217  2.429   1.00 22.51 ? 2   DG  B "O3'" 1 
ATOM   146 C  "C2'" . DG  B 1 2 ? -8.758  -1.653  2.687   1.00 21.98 ? 2   DG  B "C2'" 1 
ATOM   147 C  "C1'" . DG  B 1 2 ? -7.741  -0.805  3.442   1.00 17.81 ? 2   DG  B "C1'" 1 
ATOM   148 N  N9    . DG  B 1 2 ? -6.353  -1.383  3.897   1.00 14.99 ? 2   DG  B N9    1 
ATOM   149 C  C8    . DG  B 1 2 ? -6.037  -2.693  4.109   1.00 11.89 ? 2   DG  B C8    1 
ATOM   150 N  N7    . DG  B 1 2 ? -4.783  -2.841  4.485   1.00 16.64 ? 2   DG  B N7    1 
ATOM   151 C  C5    . DG  B 1 2 ? -4.244  -1.578  4.524   1.00 13.27 ? 2   DG  B C5    1 
ATOM   152 C  C6    . DG  B 1 2 ? -2.945  -1.127  4.860   1.00 14.07 ? 2   DG  B C6    1 
ATOM   153 O  O6    . DG  B 1 2 ? -1.961  -1.793  5.206   1.00 14.16 ? 2   DG  B O6    1 
ATOM   154 N  N1    . DG  B 1 2 ? -2.812  0.275   4.770   1.00 14.47 ? 2   DG  B N1    1 
ATOM   155 C  C2    . DG  B 1 2 ? -3.832  1.103   4.399   1.00 18.15 ? 2   DG  B C2    1 
ATOM   156 N  N2    . DG  B 1 2 ? -3.561  2.415   4.356   1.00 22.12 ? 2   DG  B N2    1 
ATOM   157 N  N3    . DG  B 1 2 ? -5.055  0.689   4.082   1.00 17.79 ? 2   DG  B N3    1 
ATOM   158 C  C4    . DG  B 1 2 ? -5.201  -0.654  4.163   1.00 16.28 ? 2   DG  B C4    1 
ATOM   159 P  P     . DT  B 1 3 ? -10.739 -0.305  0.831   1.00 25.99 ? 3   DT  B P     1 
ATOM   160 O  OP1   . DT  B 1 3 ? -11.988 0.490   0.513   1.00 39.00 ? 3   DT  B OP1   1 
ATOM   161 O  OP2   . DT  B 1 3 ? -10.494 -1.662  0.298   1.00 27.50 ? 3   DT  B OP2   1 
ATOM   162 O  "O5'" . DT  B 1 3 ? -9.548  0.680   0.401   1.00 27.40 ? 3   DT  B "O5'" 1 
ATOM   163 C  "C5'" . DT  B 1 3 ? -9.476  1.961   0.996   1.00 30.32 ? 3   DT  B "C5'" 1 
ATOM   164 C  "C4'" . DT  B 1 3 ? -8.118  2.571   0.739   1.00 32.89 ? 3   DT  B "C4'" 1 
ATOM   165 O  "O4'" . DT  B 1 3 ? -7.011  1.834   1.236   1.00 29.07 ? 3   DT  B "O4'" 1 
ATOM   166 C  "C3'" . DT  B 1 3 ? -7.823  2.933   -0.707  1.00 38.76 ? 3   DT  B "C3'" 1 
ATOM   167 O  "O3'" . DT  B 1 3 ? -7.797  4.343   -0.929  1.00 36.34 ? 3   DT  B "O3'" 1 
ATOM   168 C  "C2'" . DT  B 1 3 ? -6.505  2.356   -1.062  1.00 30.92 ? 3   DT  B "C2'" 1 
ATOM   169 C  "C1'" . DT  B 1 3 ? -5.929  1.842   0.238   1.00 22.70 ? 3   DT  B "C1'" 1 
ATOM   170 N  N1    . DT  B 1 3 ? -5.146  0.665   0.583   1.00 24.34 ? 3   DT  B N1    1 
ATOM   171 C  C2    . DT  B 1 3 ? -3.823  0.984   0.969   1.00 12.72 ? 3   DT  B C2    1 
ATOM   172 O  O2    . DT  B 1 3 ? -3.530  2.155   0.958   1.00 17.64 ? 3   DT  B O2    1 
ATOM   173 N  N3    . DT  B 1 3 ? -3.072  -0.081  1.296   1.00 16.83 ? 3   DT  B N3    1 
ATOM   174 C  C4    . DT  B 1 3 ? -3.362  -1.420  1.321   1.00 9.95  ? 3   DT  B C4    1 
ATOM   175 O  O4    . DT  B 1 3 ? -2.586  -2.299  1.639   1.00 19.00 ? 3   DT  B O4    1 
ATOM   176 C  C5    . DT  B 1 3 ? -4.748  -1.672  0.912   1.00 20.18 ? 3   DT  B C5    1 
ATOM   177 C  C7    . DT  B 1 3 ? -5.200  -3.115  0.820   1.00 23.32 ? 3   DT  B C7    1 
ATOM   178 C  C6    . DT  B 1 3 ? -5.518  -0.654  0.582   1.00 12.10 ? 3   DT  B C6    1 
ATOM   179 P  P     . DA  B 1 4 ? -8.008  4.887   -2.444  1.00 45.02 ? 4   DA  B P     1 
ATOM   180 O  OP1   . DA  B 1 4 ? -8.692  6.211   -2.428  1.00 46.95 ? 4   DA  B OP1   1 
ATOM   181 O  OP2   . DA  B 1 4 ? -8.419  3.759   -3.333  1.00 44.54 ? 4   DA  B OP2   1 
ATOM   182 O  "O5'" . DA  B 1 4 ? -6.439  5.123   -2.773  1.00 34.31 ? 4   DA  B "O5'" 1 
ATOM   183 C  "C5'" . DA  B 1 4 ? -5.664  5.979   -1.948  1.00 23.23 ? 4   DA  B "C5'" 1 
ATOM   184 C  "C4'" . DA  B 1 4 ? -4.189  5.788   -2.311  1.00 23.28 ? 4   DA  B "C4'" 1 
ATOM   185 O  "O4'" . DA  B 1 4 ? -3.607  4.628   -1.677  1.00 21.65 ? 4   DA  B "O4'" 1 
ATOM   186 C  "C3'" . DA  B 1 4 ? -3.911  5.658   -3.787  1.00 23.46 ? 4   DA  B "C3'" 1 
ATOM   187 O  "O3'" . DA  B 1 4 ? -3.448  6.859   -4.407  1.00 33.32 ? 4   DA  B "O3'" 1 
ATOM   188 C  "C2'" . DA  B 1 4 ? -2.863  4.629   -3.978  1.00 27.09 ? 4   DA  B "C2'" 1 
ATOM   189 C  "C1'" . DA  B 1 4 ? -2.544  4.125   -2.583  1.00 23.92 ? 4   DA  B "C1'" 1 
ATOM   190 N  N9    . DA  B 1 4 ? -2.527  2.719   -2.370  1.00 20.43 ? 4   DA  B N9    1 
ATOM   191 C  C8    . DA  B 1 4 ? -3.528  1.822   -2.521  1.00 15.92 ? 4   DA  B C8    1 
ATOM   192 N  N7    . DA  B 1 4 ? -3.185  0.588   -2.242  1.00 16.15 ? 4   DA  B N7    1 
ATOM   193 C  C5    . DA  B 1 4 ? -1.844  0.699   -1.882  1.00 11.98 ? 4   DA  B C5    1 
ATOM   194 C  C6    . DA  B 1 4 ? -0.893  -0.265  -1.470  1.00 16.94 ? 4   DA  B C6    1 
ATOM   195 N  N6    . DA  B 1 4 ? -1.167  -1.565  -1.355  1.00 13.97 ? 4   DA  B N6    1 
ATOM   196 N  N1    . DA  B 1 4 ? 0.362   0.197   -1.184  1.00 13.45 ? 4   DA  B N1    1 
ATOM   197 C  C2    . DA  B 1 4 ? 0.600   1.511   -1.312  1.00 12.67 ? 4   DA  B C2    1 
ATOM   198 N  N3    . DA  B 1 4 ? -0.226  2.514   -1.692  1.00 13.50 ? 4   DA  B N3    1 
ATOM   199 C  C4    . DA  B 1 4 ? -1.436  1.987   -1.955  1.00 11.19 ? 4   DA  B C4    1 
ATOM   200 P  P     . DC  B 1 5 ? -3.258  6.822   -6.040  1.00 25.55 ? 5   DC  B P     1 
ATOM   201 O  OP1   . DC  B 1 5 ? -3.431  8.271   -6.448  1.00 22.75 ? 5   DC  B OP1   1 
ATOM   202 O  OP2   . DC  B 1 5 ? -4.078  5.737   -6.644  1.00 31.55 ? 5   DC  B OP2   1 
ATOM   203 O  "O5'" . DC  B 1 5 ? -1.718  6.475   -6.132  1.00 18.65 ? 5   DC  B "O5'" 1 
ATOM   204 C  "C5'" . DC  B 1 5 ? -0.586  7.269   -5.809  1.00 17.10 ? 5   DC  B "C5'" 1 
ATOM   205 C  "C4'" . DC  B 1 5 ? 0.646   6.422   -5.692  1.00 15.47 ? 5   DC  B "C4'" 1 
ATOM   206 O  "O4'" . DC  B 1 5 ? 0.556   5.346   -4.754  1.00 18.11 ? 5   DC  B "O4'" 1 
ATOM   207 C  "C3'" . DC  B 1 5 ? 1.128   5.745   -7.005  1.00 17.01 ? 5   DC  B "C3'" 1 
ATOM   208 O  "O3'" . DC  B 1 5 ? 1.921   6.642   -7.791  1.00 18.33 ? 5   DC  B "O3'" 1 
ATOM   209 C  "C2'" . DC  B 1 5 ? 2.111   4.693   -6.484  1.00 24.50 ? 5   DC  B "C2'" 1 
ATOM   210 C  "C1'" . DC  B 1 5 ? 1.479   4.269   -5.158  1.00 18.11 ? 5   DC  B "C1'" 1 
ATOM   211 N  N1    . DC  B 1 5 ? 0.818   2.960   -5.110  1.00 14.26 ? 5   DC  B N1    1 
ATOM   212 C  C2    . DC  B 1 5 ? 1.560   1.876   -4.641  1.00 14.78 ? 5   DC  B C2    1 
ATOM   213 O  O2    . DC  B 1 5 ? 2.739   2.111   -4.294  1.00 16.37 ? 5   DC  B O2    1 
ATOM   214 N  N3    . DC  B 1 5 ? 0.975   0.644   -4.589  1.00 15.90 ? 5   DC  B N3    1 
ATOM   215 C  C4    . DC  B 1 5 ? -0.296  0.497   -4.983  1.00 11.74 ? 5   DC  B C4    1 
ATOM   216 N  N4    . DC  B 1 5 ? -0.871  -0.709  -4.931  1.00 15.30 ? 5   DC  B N4    1 
ATOM   217 C  C5    . DC  B 1 5 ? -1.073  1.600   -5.472  1.00 15.44 ? 5   DC  B C5    1 
ATOM   218 C  C6    . DC  B 1 5 ? -0.469  2.792   -5.512  1.00 14.41 ? 5   DC  B C6    1 
ATOM   219 P  P     . DG  B 1 6 ? 1.849   6.545   -9.453  1.00 18.68 ? 6   DG  B P     1 
ATOM   220 O  OP1   . DG  B 1 6 ? 2.346   7.790   -10.063 1.00 26.98 ? 6   DG  B OP1   1 
ATOM   221 O  OP2   . DG  B 1 6 ? 0.505   5.940   -9.762  1.00 20.54 ? 6   DG  B OP2   1 
ATOM   222 O  "O5'" . DG  B 1 6 ? 2.945   5.417   -9.588  1.00 15.44 ? 6   DG  B "O5'" 1 
ATOM   223 C  "C5'" . DG  B 1 6 ? 4.284   5.500   -9.127  1.00 17.32 ? 6   DG  B "C5'" 1 
ATOM   224 C  "C4'" . DG  B 1 6 ? 5.116   4.615   -10.123 1.00 22.73 ? 6   DG  B "C4'" 1 
ATOM   225 O  "O4'" . DG  B 1 6 ? 4.591   3.264   -10.112 1.00 23.20 ? 6   DG  B "O4'" 1 
ATOM   226 C  "C3'" . DG  B 1 6 ? 5.020   5.119   -11.559 1.00 22.52 ? 6   DG  B "C3'" 1 
ATOM   227 O  "O3'" . DG  B 1 6 ? 6.266   5.082   -12.257 1.00 28.30 ? 6   DG  B "O3'" 1 
ATOM   228 C  "C2'" . DG  B 1 6 ? 4.108   4.158   -12.279 1.00 18.58 ? 6   DG  B "C2'" 1 
ATOM   229 C  "C1'" . DG  B 1 6 ? 4.418   2.843   -11.524 1.00 16.11 ? 6   DG  B "C1'" 1 
ATOM   230 N  N9    . DG  B 1 6 ? 3.251   1.798   -11.422 1.00 17.30 ? 6   DG  B N9    1 
ATOM   231 C  C8    . DG  B 1 6 ? 1.914   2.022   -11.603 1.00 17.65 ? 6   DG  B C8    1 
ATOM   232 N  N7    . DG  B 1 6 ? 1.197   0.937   -11.447 1.00 21.66 ? 6   DG  B N7    1 
ATOM   233 C  C5    . DG  B 1 6 ? 2.126   -0.055  -11.147 1.00 17.71 ? 6   DG  B C5    1 
ATOM   234 C  C6    . DG  B 1 6 ? 1.946   -1.423  -10.876 1.00 14.72 ? 6   DG  B C6    1 
ATOM   235 O  O6    . DG  B 1 6 ? 0.857   -2.051  -10.853 1.00 15.35 ? 6   DG  B O6    1 
ATOM   236 N  N1    . DG  B 1 6 ? 3.145   -2.069  -10.620 1.00 13.79 ? 6   DG  B N1    1 
ATOM   237 C  C2    . DG  B 1 6 ? 4.388   -1.468  -10.620 1.00 12.29 ? 6   DG  B C2    1 
ATOM   238 N  N2    . DG  B 1 6 ? 5.473   -2.200  -10.357 1.00 11.77 ? 6   DG  B N2    1 
ATOM   239 N  N3    . DG  B 1 6 ? 4.566   -0.173  -10.874 1.00 13.05 ? 6   DG  B N3    1 
ATOM   240 C  C4    . DG  B 1 6 ? 3.397   0.460   -11.125 1.00 11.75 ? 6   DG  B C4    1 
HETATM 241 SR SR    . SR  C 2 . ? 1.441   7.021   -0.137  1.00 18.14 ? 201 SR  A SR    1 
HETATM 242 O  OD1   . A4C D 3 . ? -1.960  -2.419  8.398   1.00 16.99 ? 301 A4C B OD1   1 
HETATM 243 C  CD1   . A4C D 3 . ? -3.172  -2.479  8.202   1.00 22.39 ? 301 A4C B CD1   1 
HETATM 244 N  ND1   . A4C D 3 . ? -3.759  -3.593  7.752   1.00 19.48 ? 301 A4C B ND1   1 
HETATM 245 C  CD2   . A4C D 3 . ? -3.076  -4.885  7.633   1.00 15.66 ? 301 A4C B CD2   1 
HETATM 246 C  CD3   . A4C D 3 . ? -2.163  -4.879  6.399   1.00 17.29 ? 301 A4C B CD3   1 
HETATM 247 N  ND2   . A4C D 3 . ? -3.031  -4.845  5.214   1.00 22.55 ? 301 A4C B ND2   1 
HETATM 248 C  CD8   . A4C D 3 . ? -2.208  -4.803  4.000   1.00 19.93 ? 301 A4C B CD8   1 
HETATM 249 C  CD7   . A4C D 3 . ? -3.977  -5.957  5.218   1.00 19.39 ? 301 A4C B CD7   1 
HETATM 250 C  C4    . A4C D 3 . ? -3.947  -1.173  8.003   1.00 16.29 ? 301 A4C B C4    1 
HETATM 251 C  C3    . A4C D 3 . ? -5.273  -1.211  7.596   1.00 12.99 ? 301 A4C B C3    1 
HETATM 252 C  C2    . A4C D 3 . ? -6.010  -0.049  7.402   1.00 14.06 ? 301 A4C B C2    1 
HETATM 253 C  C12   . A4C D 3 . ? -3.333  0.053   8.230   1.00 13.58 ? 301 A4C B C12   1 
HETATM 254 C  C11   . A4C D 3 . ? -4.053  1.225   8.044   1.00 17.29 ? 301 A4C B C11   1 
HETATM 255 C  C1    . A4C D 3 . ? -5.381  1.182   7.632   1.00 18.88 ? 301 A4C B C1    1 
HETATM 256 N  N10   . A4C D 3 . ? -2.052  0.122   8.629   1.00 16.91 ? 301 A4C B N10   1 
HETATM 257 C  C14   . A4C D 3 . ? -1.442  1.286   8.853   1.00 9.07  ? 301 A4C B C14   1 
HETATM 258 C  C5    . A4C D 3 . ? -0.106  1.300   9.267   1.00 19.26 ? 301 A4C B C5    1 
HETATM 259 C  C6    . A4C D 3 . ? 0.536   2.507   9.503   1.00 20.57 ? 301 A4C B C6    1 
HETATM 260 C  C7    . A4C D 3 . ? -0.122  3.731   9.336   1.00 15.23 ? 301 A4C B C7    1 
HETATM 261 C  C13   . A4C D 3 . ? -2.108  2.491   8.684   1.00 12.27 ? 301 A4C B C13   1 
HETATM 262 C  C8    . A4C D 3 . ? -1.449  3.689   8.924   1.00 18.01 ? 301 A4C B C8    1 
HETATM 263 C  C9    . A4C D 3 . ? -3.440  2.460   8.271   1.00 16.20 ? 301 A4C B C9    1 
HETATM 264 N  N9    . A4C D 3 . ? -4.164  3.551   8.080   1.00 22.46 ? 301 A4C B N9    1 
HETATM 265 C  CX1   . A4C D 3 . ? -3.952  4.464   6.936   1.00 32.54 ? 301 A4C B CX1   1 
HETATM 266 C  CX2   . A4C D 3 . ? -3.759  5.882   7.485   1.00 36.49 ? 301 A4C B CX2   1 
HETATM 267 C  CX3   . A4C D 3 . ? -3.424  6.919   6.418   1.00 41.66 ? 301 A4C B CX3   1 
HETATM 268 O  OD1   . A4C E 3 . ? -0.614  -2.014  -7.823  1.00 18.82 ? 302 A4C B OD1   1 
HETATM 269 C  CD1   . A4C E 3 . ? -0.146  -0.877  -7.969  1.00 14.60 ? 302 A4C B CD1   1 
HETATM 270 N  ND1   . A4C E 3 . ? -0.828  0.086   -8.591  1.00 16.24 ? 302 A4C B ND1   1 
HETATM 271 C  CD2   . A4C E 3 . ? -2.200  -0.159  -9.049  1.00 20.62 ? 302 A4C B CD2   1 
HETATM 272 C  CD3   . A4C E 3 . ? -2.304  0.067   -10.562 1.00 19.34 ? 302 A4C B CD3   1 
HETATM 273 N  ND2   . A4C E 3 . ? -1.601  -1.019  -11.260 1.00 23.26 ? 302 A4C B ND2   1 
HETATM 274 C  CD8   . A4C E 3 . ? -2.136  -2.321  -10.880 1.00 26.08 ? 302 A4C B CD8   1 
HETATM 275 C  CD7   . A4C E 3 . ? -1.690  -0.800  -12.714 1.00 20.84 ? 302 A4C B CD7   1 
HETATM 276 C  C4    . A4C E 3 . ? 1.338   -0.593  -7.742  1.00 13.91 ? 302 A4C B C4    1 
HETATM 277 C  C3    . A4C E 3 . ? 1.894   0.656   -7.964  1.00 16.06 ? 302 A4C B C3    1 
HETATM 278 C  C2    . A4C E 3 . ? 3.245   0.908   -7.761  1.00 19.50 ? 302 A4C B C2    1 
HETATM 279 C  C12   . A4C E 3 . ? 2.159   -1.626  -7.291  1.00 14.93 ? 302 A4C B C12   1 
HETATM 280 C  C11   . A4C E 3 . ? 3.512   -1.377  -7.084  1.00 14.35 ? 302 A4C B C11   1 
HETATM 281 C  C1    . A4C E 3 . ? 4.067   -0.123  -7.312  1.00 14.70 ? 302 A4C B C1    1 
HETATM 282 N  N10   . A4C E 3 . ? 1.655   -2.840  -7.064  1.00 12.96 ? 302 A4C B N10   1 
HETATM 283 C  C14   . A4C E 3 . ? 2.426   -3.850  -6.631  1.00 11.89 ? 302 A4C B C14   1 
HETATM 284 C  C5    . A4C E 3 . ? 1.866   -5.099  -6.403  1.00 14.18 ? 302 A4C B C5    1 
HETATM 285 C  C6    . A4C E 3 . ? 2.604   -6.180  -5.957  1.00 19.38 ? 302 A4C B C6    1 
HETATM 286 C  C7    . A4C E 3 . ? 3.969   -6.013  -5.724  1.00 21.04 ? 302 A4C B C7    1 
HETATM 287 C  C13   . A4C E 3 . ? 3.787   -3.665  -6.403  1.00 9.52  ? 302 A4C B C13   1 
HETATM 288 C  C8    . A4C E 3 . ? 4.523   -4.756  -5.952  1.00 15.83 ? 302 A4C B C8    1 
HETATM 289 C  C9    . A4C E 3 . ? 4.341   -2.413  -6.631  1.00 13.38 ? 302 A4C B C9    1 
HETATM 290 N  N9    . A4C E 3 . ? 5.603   -2.101  -6.459  1.00 15.93 ? 302 A4C B N9    1 
HETATM 291 C  CX1   . A4C E 3 . ? 6.764   -2.682  -7.152  1.00 32.03 ? 302 A4C B CX1   1 
HETATM 292 C  CX2   . A4C E 3 . ? 7.650   -3.382  -6.115  1.00 24.31 ? 302 A4C B CX2   1 
HETATM 293 C  CX3   . A4C E 3 . ? 8.868   -4.061  -6.749  1.00 23.34 ? 302 A4C B CX3   1 
HETATM 294 SR SR    . SR  F 2 . ? -4.761  11.752  -4.237  0.50 17.71 ? 202 SR  B SR    1 
HETATM 295 O  O     . HOH G 4 . ? 0.505   -6.421  -2.522  1.00 24.41 ? 202 HOH A O     1 
HETATM 296 O  O     . HOH G 4 . ? 5.935   -4.490  3.388   1.00 22.52 ? 203 HOH A O     1 
HETATM 297 O  O     . HOH G 4 . ? 0.905   -10.524 -8.521  1.00 33.76 ? 204 HOH A O     1 
HETATM 298 O  O     . HOH G 4 . ? 9.193   -11.396 -2.671  1.00 26.11 ? 205 HOH A O     1 
HETATM 299 O  O     . HOH G 4 . ? 5.464   -10.677 -1.927  1.00 23.34 ? 206 HOH A O     1 
HETATM 300 O  O     . HOH G 4 . ? 8.628   -10.553 1.963   0.50 19.48 ? 207 HOH A O     1 
HETATM 301 O  O     . HOH G 4 . ? 11.597  -7.367  -2.653  1.00 37.00 ? 208 HOH A O     1 
HETATM 302 O  O     . HOH G 4 . ? 7.496   -0.926  -3.061  1.00 31.06 ? 209 HOH A O     1 
HETATM 303 O  O     . HOH G 4 . ? 5.439   2.524   7.291   1.00 27.35 ? 210 HOH A O     1 
HETATM 304 O  O     . HOH G 4 . ? 3.155   -9.621  -4.730  1.00 26.43 ? 211 HOH A O     1 
HETATM 305 O  O     . HOH G 4 . ? 11.699  -4.228  -2.696  1.00 26.02 ? 212 HOH A O     1 
HETATM 306 O  O     . HOH G 4 . ? -2.340  -5.958  -9.107  1.00 29.71 ? 213 HOH A O     1 
HETATM 307 O  O     . HOH G 4 . ? 4.160   2.954   -1.192  1.00 30.09 ? 214 HOH A O     1 
HETATM 308 O  O     . HOH G 4 . ? 10.110  1.243   6.381   1.00 36.64 ? 215 HOH A O     1 
HETATM 309 O  O     . HOH G 4 . ? 8.507   -4.447  3.963   1.00 23.29 ? 216 HOH A O     1 
HETATM 310 O  O     . HOH G 4 . ? 0.593   -8.746  -1.575  1.00 58.70 ? 217 HOH A O     1 
HETATM 311 O  O     . HOH G 4 . ? -1.005  -4.879  1.122   1.00 42.11 ? 218 HOH A O     1 
HETATM 312 O  O     . HOH G 4 . ? 3.058   -0.080  13.697  1.00 32.67 ? 219 HOH A O     1 
HETATM 313 O  O     . HOH G 4 . ? -1.053  -4.372  -3.818  1.00 30.78 ? 220 HOH A O     1 
HETATM 314 O  O     . HOH G 4 . ? 9.254   -2.470  4.995   1.00 30.55 ? 221 HOH A O     1 
HETATM 315 O  O     . HOH G 4 . ? 2.783   4.713   12.273  1.00 30.70 ? 222 HOH A O     1 
HETATM 316 O  O     . HOH G 4 . ? 9.781   -9.091  -0.238  1.00 46.52 ? 223 HOH A O     1 
HETATM 317 O  O     . HOH G 4 . ? 9.335   3.817   -1.326  1.00 39.47 ? 224 HOH A O     1 
HETATM 318 O  O     . HOH G 4 . ? -3.381  -9.547  -9.666  1.00 32.17 ? 225 HOH A O     1 
HETATM 319 O  O     . HOH G 4 . ? 9.742   -8.529  2.033   1.00 28.95 ? 226 HOH A O     1 
HETATM 320 O  O     . HOH G 4 . ? 0.724   8.160   2.379   1.00 26.43 ? 227 HOH A O     1 
HETATM 321 O  O     . HOH G 4 . ? 1.150   2.559   12.842  1.00 24.58 ? 228 HOH A O     1 
HETATM 322 O  O     . HOH G 4 . ? 0.996   -0.431  12.749  1.00 46.82 ? 229 HOH A O     1 
HETATM 323 O  O     . HOH G 4 . ? 7.555   1.784   -1.977  1.00 32.98 ? 230 HOH A O     1 
HETATM 324 O  O     . HOH G 4 . ? 12.822  -1.829  0.453   0.50 19.04 ? 231 HOH A O     1 
HETATM 325 O  O     . HOH G 4 . ? 4.755   2.882   9.970   1.00 25.90 ? 232 HOH A O     1 
HETATM 326 O  O     . HOH G 4 . ? 4.198   -8.485  -0.857  1.00 23.55 ? 233 HOH A O     1 
HETATM 327 O  O     . HOH G 4 . ? -5.842  6.261   10.630  1.00 30.23 ? 234 HOH A O     1 
HETATM 328 O  O     . HOH G 4 . ? 1.151   5.166   1.994   1.00 21.46 ? 235 HOH A O     1 
HETATM 329 O  O     . HOH G 4 . ? -0.945  -9.174  -7.612  1.00 47.44 ? 236 HOH A O     1 
HETATM 330 O  O     . HOH G 4 . ? 10.046  5.723   2.957   0.50 27.90 ? 237 HOH A O     1 
HETATM 331 O  O     . HOH G 4 . ? 3.207   4.710   10.008  1.00 39.06 ? 238 HOH A O     1 
HETATM 332 O  O     . HOH G 4 . ? 2.833   -8.198  1.822   1.00 28.75 ? 239 HOH A O     1 
HETATM 333 O  O     . HOH G 4 . ? 8.953   8.383   3.955   1.00 39.62 ? 240 HOH A O     1 
HETATM 334 O  O     . HOH G 4 . ? 5.411   -7.369  2.710   1.00 38.17 ? 241 HOH A O     1 
HETATM 335 O  O     . HOH G 4 . ? 12.587  -7.816  0.103   1.00 59.33 ? 242 HOH A O     1 
HETATM 336 O  O     . HOH G 4 . ? 5.825   -10.170 2.741   1.00 45.23 ? 243 HOH A O     1 
HETATM 337 O  O     . HOH G 4 . ? 12.257  1.387   4.704   1.00 49.24 ? 244 HOH A O     1 
HETATM 338 O  O     . HOH G 4 . ? 4.322   5.005   0.381   1.00 31.55 ? 245 HOH A O     1 
HETATM 339 O  O     . HOH G 4 . ? -1.043  5.951   4.306   1.00 65.42 ? 246 HOH A O     1 
HETATM 340 O  O     . HOH G 4 . ? 10.835  2.298   0.806   1.00 66.28 ? 247 HOH A O     1 
HETATM 341 O  O     . HOH G 4 . ? 8.681   3.393   7.264   1.00 42.81 ? 248 HOH A O     1 
HETATM 342 O  O     . HOH G 4 . ? 7.974   -10.178 -1.151  1.00 46.66 ? 249 HOH A O     1 
HETATM 343 O  O     . HOH H 4 . ? -5.778  -6.907  9.407   1.00 18.41 ? 303 HOH B O     1 
HETATM 344 O  O     . HOH H 4 . ? -6.309  -4.620  7.377   1.00 18.11 ? 304 HOH B O     1 
HETATM 345 O  O     . HOH H 4 . ? -3.512  -1.080  -5.362  1.00 24.12 ? 305 HOH B O     1 
HETATM 346 O  O     . HOH H 4 . ? 4.218   8.870   -11.282 1.00 19.61 ? 306 HOH B O     1 
HETATM 347 O  O     . HOH H 4 . ? 6.432   2.573   -8.042  1.00 22.69 ? 307 HOH B O     1 
HETATM 348 O  O     . HOH H 4 . ? -14.012 -5.024  8.410   1.00 35.63 ? 308 HOH B O     1 
HETATM 349 O  O     . HOH H 4 . ? -13.188 -7.108  9.269   1.00 43.03 ? 309 HOH B O     1 
HETATM 350 O  O     . HOH H 4 . ? 2.353   10.121  -8.268  1.00 26.04 ? 310 HOH B O     1 
HETATM 351 O  O     . HOH H 4 . ? -3.973  -6.776  11.218  1.00 33.81 ? 311 HOH B O     1 
HETATM 352 O  O     . HOH H 4 . ? 4.934   3.289   -5.386  1.00 28.98 ? 312 HOH B O     1 
HETATM 353 O  O     . HOH H 4 . ? 2.667   7.233   -2.446  1.00 45.15 ? 313 HOH B O     1 
HETATM 354 O  O     . HOH H 4 . ? -0.849  -3.581  12.191  1.00 41.66 ? 314 HOH B O     1 
HETATM 355 O  O     . HOH H 4 . ? 1.165   4.973   -1.519  1.00 27.87 ? 315 HOH B O     1 
HETATM 356 O  O     . HOH H 4 . ? -2.864  9.901   -4.290  1.00 30.52 ? 316 HOH B O     1 
HETATM 357 O  O     . HOH H 4 . ? -0.689  3.102   -8.798  1.00 20.59 ? 317 HOH B O     1 
HETATM 358 O  O     . HOH H 4 . ? -4.833  1.107   -6.220  1.00 31.37 ? 318 HOH B O     1 
HETATM 359 O  O     . HOH H 4 . ? 4.555   8.584   -14.033 1.00 20.37 ? 319 HOH B O     1 
HETATM 360 O  O     . HOH H 4 . ? -6.690  1.975   -4.480  1.00 28.16 ? 320 HOH B O     1 
HETATM 361 O  O     . HOH H 4 . ? 7.329   0.008   -7.658  1.00 26.02 ? 321 HOH B O     1 
HETATM 362 O  O     . HOH H 4 . ? -2.927  3.458   -7.667  1.00 35.98 ? 322 HOH B O     1 
HETATM 363 O  O     . HOH H 4 . ? -13.141 -3.093  3.301   1.00 52.25 ? 323 HOH B O     1 
HETATM 364 O  O     . HOH H 4 . ? -3.387  -8.291  -2.448  1.00 61.01 ? 324 HOH B O     1 
HETATM 365 O  O     . HOH H 4 . ? -11.798 -2.229  -5.177  1.00 47.98 ? 325 HOH B O     1 
HETATM 366 O  O     . HOH H 4 . ? -13.038 4.542   -8.451  1.00 44.93 ? 326 HOH B O     1 
HETATM 367 O  O     . HOH H 4 . ? -13.045 2.751   -5.677  1.00 42.52 ? 327 HOH B O     1 
HETATM 368 O  O     . HOH H 4 . ? -6.681  0.014   -8.923  1.00 55.82 ? 328 HOH B O     1 
HETATM 369 O  O     . HOH H 4 . ? -3.243  -3.795  -2.305  1.00 22.77 ? 329 HOH B O     1 
HETATM 370 O  O     . HOH H 4 . ? -4.449  -1.705  -3.288  1.00 28.73 ? 330 HOH B O     1 
HETATM 371 O  O     . HOH H 4 . ? -15.708 5.582   -8.648  1.00 36.61 ? 331 HOH B O     1 
HETATM 372 O  O     . HOH H 4 . ? -7.383  -7.755  4.111   1.00 53.28 ? 332 HOH B O     1 
HETATM 373 O  O     . HOH H 4 . ? 0.807   9.193   -1.569  1.00 47.26 ? 333 HOH B O     1 
HETATM 374 O  O     . HOH H 4 . ? -9.260  -0.180  -9.394  0.50 44.74 ? 334 HOH B O     1 
HETATM 375 O  O     . HOH H 4 . ? -2.174  6.893   -10.268 1.00 39.73 ? 335 HOH B O     1 
HETATM 376 O  O     . HOH H 4 . ? 8.196   8.164   -16.226 1.00 36.37 ? 336 HOH B O     1 
HETATM 377 O  O     . HOH H 4 . ? 4.137   6.205   -4.295  1.00 43.57 ? 337 HOH B O     1 
HETATM 378 O  O     . HOH H 4 . ? -4.289  -2.988  -7.253  1.00 45.26 ? 338 HOH B O     1 
HETATM 379 O  O     . HOH H 4 . ? -2.710  5.098   1.364   1.00 31.46 ? 339 HOH B O     1 
HETATM 380 O  O     . HOH H 4 . ? -1.058  2.472   -12.810 1.00 43.96 ? 340 HOH B O     1 
HETATM 381 O  O     . HOH H 4 . ? 0.828   -4.124  8.369   1.00 31.92 ? 341 HOH B O     1 
HETATM 382 O  O     . HOH H 4 . ? -6.841  4.214   7.104   1.00 32.00 ? 342 HOH B O     1 
HETATM 383 O  O     . HOH H 4 . ? 6.221   6.788   -14.653 1.00 34.16 ? 343 HOH B O     1 
HETATM 384 O  O     . HOH H 4 . ? 1.487   7.906   -12.191 1.00 47.97 ? 344 HOH B O     1 
HETATM 385 O  O     . HOH H 4 . ? -12.003 -7.955  -3.018  0.50 65.40 ? 345 HOH B O     1 
HETATM 386 O  O     . HOH H 4 . ? -9.231  -10.298 -0.879  1.00 41.10 ? 346 HOH B O     1 
HETATM 387 O  O     . HOH H 4 . ? -2.270  -5.324  11.726  0.50 27.47 ? 347 HOH B O     1 
HETATM 388 O  O     . HOH H 4 . ? -4.726  -6.639  0.550   1.00 34.06 ? 348 HOH B O     1 
HETATM 389 O  O     . HOH H 4 . ? -4.000  12.549  -6.154  1.00 28.76 ? 349 HOH B O     1 
HETATM 390 O  O     . HOH H 4 . ? -8.429  -5.144  0.662   1.00 43.55 ? 350 HOH B O     1 
HETATM 391 O  O     . HOH H 4 . ? -12.035 6.480   -10.317 1.00 40.80 ? 351 HOH B O     1 
HETATM 392 O  O     . HOH H 4 . ? 7.903   4.750   -7.984  1.00 41.29 ? 352 HOH B O     1 
HETATM 393 O  O     . HOH H 4 . ? -10.881 -5.414  -3.401  1.00 48.35 ? 353 HOH B O     1 
HETATM 394 O  O     . HOH H 4 . ? -8.526  -2.245  -0.734  1.00 38.88 ? 354 HOH B O     1 
HETATM 395 O  O     . HOH H 4 . ? -6.636  -2.645  -2.949  1.00 34.34 ? 355 HOH B O     1 
HETATM 396 O  O     . HOH H 4 . ? -0.806  5.299   0.094   1.00 44.98 ? 356 HOH B O     1 
HETATM 397 O  O     . HOH H 4 . ? -6.273  0.899   -11.756 0.50 38.40 ? 357 HOH B O     1 
# 
loop_
_atom_site_anisotrop.id 
_atom_site_anisotrop.type_symbol 
_atom_site_anisotrop.pdbx_label_atom_id 
_atom_site_anisotrop.pdbx_label_alt_id 
_atom_site_anisotrop.pdbx_label_comp_id 
_atom_site_anisotrop.pdbx_label_asym_id 
_atom_site_anisotrop.pdbx_label_seq_id 
_atom_site_anisotrop.pdbx_PDB_ins_code 
_atom_site_anisotrop.U[1][1] 
_atom_site_anisotrop.U[2][2] 
_atom_site_anisotrop.U[3][3] 
_atom_site_anisotrop.U[1][2] 
_atom_site_anisotrop.U[1][3] 
_atom_site_anisotrop.U[2][3] 
_atom_site_anisotrop.pdbx_auth_seq_id 
_atom_site_anisotrop.pdbx_auth_comp_id 
_atom_site_anisotrop.pdbx_auth_asym_id 
_atom_site_anisotrop.pdbx_auth_atom_id 
241 SR SR . SR C . ? 0.3015 0.1644 0.2234 -0.0216 -0.0398 -0.0016 201 SR A SR 
294 SR SR . SR F . ? 0.2038 0.3208 0.1483 -0.0828 0.0658  -0.1036 202 SR B SR 
# 
